data_4B3P
#
_entry.id   4B3P
#
_cell.length_a   163.000
_cell.length_b   163.000
_cell.length_c   229.600
_cell.angle_alpha   90.00
_cell.angle_beta   90.00
_cell.angle_gamma   120.00
#
_symmetry.space_group_name_H-M   'P 61 2 2'
#
loop_
_entity.id
_entity.type
_entity.pdbx_description
1 polymer 'REVERSE TRANSCRIPTASE/RIBONUCLEASE H'
2 polymer 'P51 RT'
3 polymer DNA
4 polymer RNA
#
loop_
_entity_poly.entity_id
_entity_poly.type
_entity_poly.pdbx_seq_one_letter_code
_entity_poly.pdbx_strand_id
1 'polypeptide(L)'
;PISPIETVPVKLKPGMDGPKVKQWPLTEEKIKALVEICTEMEKEGKISKIGPENPYNTPVFAIKKKDGTKWRKLVDFREL
NKKTQDFWEVQLGIPHPAGLKKKKSVTVLDVGDAYFSVPLDEDFRKYTAFTIPSINNETPGIRYQYNVLPQGWKGSPAIF
QSSMTKILEPFRKQNPDIVIYQYMDDLYVGSDLEIGQHRTKIEELRQHLLRWGLTTPDKKHQKEPPFLWMGYELHPDKWT
VQPIVLPEKDSWTVNDIQKLVGKLNWASQIYPGIKVRQLCKLLRGTKALTEVIPLTEEAELELAENREILKEPVHGVYYD
PSKDLIAEIQKQGQGQWTYQIYQEPFKNLKTGKYARMRGAHTNDVKQLTEAVQKITTESIVIWGKTPKFKLPIQKETWET
WWTEYWQATWVPEWEFVNTPPLVKLWYQLEKEPIVGAETFYVDGAASRETKLGKAGYVTNKGRQKVVTLTDTTNQKTELQ
AIHLALQDSGLEVNIVTASQYALGIIQAQPDQSESELVNQIIEQLIKKEKVYLAWVPAHKGIGGNEQVDKLVSAGIRKIL
;
A
2 'polypeptide(L)'
;MRGSHHHHHHGSQLPISPIETVPVKLKPGMDGPKVKQWPLTEEKIKALVEICTEMEKEGKISKIGPENPYNTPVFAIKKK
DGTKWRKLVDFRELNKKTQDFWEVQLGIPHPAGLKKKKSVTVLDVGDAYFSVPLDEDFRKYTAFTIPSINNETPGIRYQY
NVLPQGWKGSPAIFQSSMTKILEPFRKQNPDIVIYQYMDDLYVGSDLEIGQHRTKIEELRQHLLRWGLTTPDKKHQKEPP
FLWMGYELHPDKWTVQPIVLPEKDSWTVNDIQKLVGKLNWASQIYPGIKVRQLCKLLRGTKALTEVIPLTEEAELELAEN
REILKEPVHGVYYDPSKDLIAEIQKQGQGQWTYQIYQEPFKNLKTGKYARMRGAHTNDVKQLTEAVQKITTESIVIWGKT
PKFKLPIQKETWETWWTEYWQATWVPEWEFVNTPPLVKLWYQLEKEPIVGAETF
;
B
3 'polydeoxyribonucleotide'
;(DG)(DT)(DG)(DG)(DT)(DC)(DG)(DT)(DA)(DT)(DG)(DC)(DC)(DT)(DA)(DT)(DA)(DG)(DT)(DT)
(DA)(DT)(DT)(DG)(DT)(DG)(DG)(DC)(DC)
;
D
4 'polyribonucleotide' AUG(N)(N)GGCCACAAUAACUAUAGGCAUACGACCAC R
#
# COMPACT_ATOMS: atom_id res chain seq x y z
N ILE A 5 -18.54 38.31 0.90
CA ILE A 5 -18.15 37.63 -0.37
C ILE A 5 -16.81 36.90 -0.22
N GLU A 6 -15.89 37.50 0.55
CA GLU A 6 -14.53 36.98 0.80
C GLU A 6 -13.87 36.27 -0.39
N THR A 7 -13.23 37.06 -1.25
CA THR A 7 -12.59 36.56 -2.46
C THR A 7 -11.32 35.75 -2.16
N VAL A 8 -11.16 34.65 -2.90
CA VAL A 8 -10.00 33.78 -2.76
C VAL A 8 -8.90 34.19 -3.75
N PRO A 9 -7.68 34.45 -3.24
CA PRO A 9 -6.54 34.81 -4.10
C PRO A 9 -6.12 33.69 -5.04
N VAL A 10 -6.15 33.97 -6.35
CA VAL A 10 -5.81 32.99 -7.38
C VAL A 10 -4.70 33.52 -8.29
N LYS A 11 -3.68 32.71 -8.49
CA LYS A 11 -2.55 33.05 -9.36
C LYS A 11 -2.46 32.09 -10.55
N LEU A 12 -1.50 32.33 -11.43
CA LEU A 12 -1.27 31.48 -12.60
C LEU A 12 -0.03 30.61 -12.44
N LYS A 13 0.28 29.82 -13.47
CA LYS A 13 1.47 28.97 -13.50
C LYS A 13 2.75 29.81 -13.61
N PRO A 14 3.87 29.34 -13.02
CA PRO A 14 5.12 30.08 -12.88
C PRO A 14 5.59 30.88 -14.11
N GLY A 15 5.69 30.24 -15.26
CA GLY A 15 6.27 30.87 -16.45
C GLY A 15 5.38 30.97 -17.67
N MET A 16 4.10 31.24 -17.46
CA MET A 16 3.14 31.40 -18.55
C MET A 16 2.32 32.69 -18.43
N ASP A 17 2.17 33.39 -19.55
CA ASP A 17 1.37 34.61 -19.62
C ASP A 17 -0.08 34.26 -19.96
N GLY A 18 -0.94 35.28 -20.05
CA GLY A 18 -2.36 35.09 -20.35
C GLY A 18 -2.63 34.66 -21.78
N PRO A 19 -3.87 34.21 -22.07
CA PRO A 19 -4.25 33.71 -23.39
C PRO A 19 -4.30 34.80 -24.46
N LYS A 20 -3.56 34.60 -25.55
CA LYS A 20 -3.53 35.55 -26.66
C LYS A 20 -4.21 34.98 -27.90
N VAL A 21 -5.16 34.06 -27.68
CA VAL A 21 -5.88 33.40 -28.76
C VAL A 21 -6.95 34.31 -29.37
N LYS A 22 -6.94 34.40 -30.70
CA LYS A 22 -7.86 35.26 -31.45
C LYS A 22 -9.25 34.64 -31.61
N GLN A 23 -10.19 35.45 -32.09
CA GLN A 23 -11.58 35.03 -32.27
C GLN A 23 -11.82 34.18 -33.51
N TRP A 24 -12.97 33.51 -33.55
CA TRP A 24 -13.38 32.66 -34.66
C TRP A 24 -14.16 33.44 -35.70
N PRO A 25 -14.37 32.86 -36.89
CA PRO A 25 -15.18 33.46 -37.96
C PRO A 25 -16.58 33.91 -37.51
N LEU A 26 -17.17 34.83 -38.28
CA LEU A 26 -18.45 35.44 -37.95
C LEU A 26 -19.65 34.48 -38.02
N THR A 27 -20.73 34.86 -37.34
CA THR A 27 -21.97 34.09 -37.36
C THR A 27 -23.21 35.00 -37.53
N GLU A 28 -23.13 36.20 -36.96
CA GLU A 28 -24.17 37.24 -37.06
C GLU A 28 -25.50 36.90 -36.39
N GLU A 29 -26.01 35.69 -36.63
CA GLU A 29 -27.28 35.23 -36.05
C GLU A 29 -27.18 34.99 -34.55
N LYS A 30 -26.00 34.59 -34.08
CA LYS A 30 -25.77 34.32 -32.67
C LYS A 30 -25.30 35.56 -31.91
N ILE A 31 -24.61 36.46 -32.61
CA ILE A 31 -24.09 37.70 -32.02
C ILE A 31 -25.22 38.61 -31.53
N LYS A 32 -26.29 38.69 -32.31
CA LYS A 32 -27.46 39.51 -31.96
C LYS A 32 -28.13 39.05 -30.66
N ALA A 33 -28.04 37.76 -30.37
CA ALA A 33 -28.58 37.18 -29.15
C ALA A 33 -27.62 37.32 -27.97
N LEU A 34 -26.32 37.28 -28.26
CA LEU A 34 -25.27 37.37 -27.24
C LEU A 34 -25.18 38.74 -26.57
N VAL A 35 -25.49 39.80 -27.33
CA VAL A 35 -25.47 41.17 -26.81
C VAL A 35 -26.56 41.36 -25.75
N GLU A 36 -27.73 40.78 -25.99
CA GLU A 36 -28.87 40.86 -25.07
C GLU A 36 -28.60 40.18 -23.73
N ILE A 37 -27.85 39.08 -23.76
CA ILE A 37 -27.51 38.32 -22.55
C ILE A 37 -26.39 39.03 -21.77
N CYS A 38 -25.39 39.52 -22.48
CA CYS A 38 -24.23 40.18 -21.87
C CYS A 38 -24.58 41.52 -21.21
N THR A 39 -25.58 42.21 -21.74
CA THR A 39 -26.06 43.47 -21.17
C THR A 39 -26.77 43.24 -19.84
N GLU A 40 -27.50 42.12 -19.74
CA GLU A 40 -28.17 41.73 -18.51
C GLU A 40 -27.16 41.31 -17.43
N MET A 41 -26.09 40.64 -17.86
CA MET A 41 -25.01 40.23 -16.96
C MET A 41 -24.20 41.41 -16.46
N GLU A 42 -24.08 42.44 -17.30
CA GLU A 42 -23.39 43.68 -16.93
C GLU A 42 -24.22 44.51 -15.96
N LYS A 43 -25.55 44.48 -16.15
CA LYS A 43 -26.49 45.22 -15.30
C LYS A 43 -26.58 44.62 -13.90
N GLU A 44 -26.47 43.29 -13.82
CA GLU A 44 -26.49 42.58 -12.53
C GLU A 44 -25.19 42.78 -11.76
N GLY A 45 -24.09 42.87 -12.48
CA GLY A 45 -22.76 43.09 -11.88
C GLY A 45 -21.86 41.88 -11.99
N LYS A 46 -22.07 41.06 -13.01
CA LYS A 46 -21.25 39.87 -13.25
C LYS A 46 -20.04 40.17 -14.13
N ILE A 47 -20.24 41.04 -15.12
CA ILE A 47 -19.17 41.45 -16.03
C ILE A 47 -19.08 42.97 -16.19
N SER A 48 -17.89 43.46 -16.51
CA SER A 48 -17.64 44.89 -16.68
C SER A 48 -16.95 45.22 -18.00
N LYS A 49 -17.19 46.41 -18.51
CA LYS A 49 -16.62 46.86 -19.79
C LYS A 49 -15.16 47.29 -19.64
N ILE A 50 -14.34 46.91 -20.62
CA ILE A 50 -12.92 47.26 -20.67
C ILE A 50 -12.51 47.72 -22.07
N GLY A 51 -11.34 48.34 -22.17
CA GLY A 51 -10.84 48.87 -23.45
C GLY A 51 -9.58 48.18 -23.96
N PRO A 52 -8.67 48.96 -24.57
CA PRO A 52 -7.42 48.45 -25.12
C PRO A 52 -6.38 48.10 -24.05
N GLU A 53 -6.72 48.34 -22.78
CA GLU A 53 -5.85 48.04 -21.64
C GLU A 53 -5.56 46.54 -21.51
N ASN A 54 -6.58 45.72 -21.75
CA ASN A 54 -6.47 44.27 -21.63
C ASN A 54 -5.96 43.63 -22.92
N PRO A 55 -4.83 42.91 -22.84
CA PRO A 55 -4.27 42.21 -24.01
C PRO A 55 -4.70 40.73 -24.11
N TYR A 56 -5.40 40.23 -23.09
CA TYR A 56 -5.79 38.83 -23.04
C TYR A 56 -7.18 38.61 -23.67
N ASN A 57 -7.33 37.48 -24.34
CA ASN A 57 -8.59 37.15 -25.04
C ASN A 57 -9.00 35.68 -24.87
N THR A 58 -10.31 35.45 -24.83
CA THR A 58 -10.88 34.11 -24.70
C THR A 58 -12.01 33.93 -25.72
N PRO A 59 -11.99 32.83 -26.48
CA PRO A 59 -13.04 32.57 -27.47
C PRO A 59 -14.34 32.09 -26.85
N VAL A 75 -18.58 30.36 -23.20
CA VAL A 75 -17.18 30.75 -23.35
C VAL A 75 -16.27 29.58 -23.02
N ASP A 76 -15.39 29.23 -23.96
CA ASP A 76 -14.47 28.10 -23.81
C ASP A 76 -13.15 28.53 -23.18
N PHE A 77 -12.95 28.12 -21.92
CA PHE A 77 -11.74 28.45 -21.17
C PHE A 77 -10.72 27.31 -21.23
N ARG A 78 -10.57 26.70 -22.40
CA ARG A 78 -9.67 25.55 -22.60
C ARG A 78 -8.19 25.94 -22.52
N GLU A 79 -7.86 27.12 -23.04
CA GLU A 79 -6.48 27.62 -23.04
C GLU A 79 -6.09 28.20 -21.68
N LEU A 80 -7.04 28.84 -21.01
CA LEU A 80 -6.80 29.47 -19.71
C LEU A 80 -6.56 28.45 -18.60
N ASN A 81 -7.34 27.37 -18.60
CA ASN A 81 -7.24 26.31 -17.59
C ASN A 81 -5.89 25.59 -17.58
N LYS A 82 -5.23 25.56 -18.74
CA LYS A 82 -3.88 25.00 -18.86
C LYS A 82 -2.82 25.93 -18.26
N LYS A 83 -3.16 27.21 -18.17
CA LYS A 83 -2.27 28.21 -17.58
C LYS A 83 -2.59 28.52 -16.12
N THR A 84 -3.81 28.17 -15.70
CA THR A 84 -4.26 28.37 -14.33
C THR A 84 -3.55 27.39 -13.38
N GLN A 85 -3.32 27.84 -12.15
CA GLN A 85 -2.65 27.03 -11.13
C GLN A 85 -3.43 25.77 -10.75
N ASP A 86 -2.73 24.79 -10.19
CA ASP A 86 -3.36 23.54 -9.76
C ASP A 86 -4.09 23.73 -8.43
N PHE A 87 -5.36 23.30 -8.41
CA PHE A 87 -6.18 23.34 -7.20
C PHE A 87 -6.32 21.94 -6.62
N TRP A 88 -6.40 21.85 -5.30
CA TRP A 88 -6.56 20.57 -4.61
C TRP A 88 -7.93 20.00 -4.85
N GLU A 89 -7.99 18.67 -4.91
CA GLU A 89 -9.22 17.93 -5.24
C GLU A 89 -10.47 18.43 -4.51
N VAL A 90 -11.54 18.59 -5.27
CA VAL A 90 -12.85 18.99 -4.73
C VAL A 90 -13.49 17.76 -4.06
N GLN A 91 -13.63 16.69 -4.83
CA GLN A 91 -14.13 15.41 -4.34
C GLN A 91 -13.64 14.29 -5.24
N LEU A 92 -12.59 13.59 -4.80
CA LEU A 92 -11.98 12.51 -5.58
C LEU A 92 -12.86 11.26 -5.57
N GLY A 93 -13.02 10.65 -4.40
CA GLY A 93 -13.85 9.46 -4.25
C GLY A 93 -15.30 9.83 -3.97
N ILE A 94 -16.20 9.33 -4.82
CA ILE A 94 -17.63 9.58 -4.66
C ILE A 94 -18.24 8.75 -3.53
N PRO A 95 -19.13 9.36 -2.72
CA PRO A 95 -19.80 8.65 -1.62
C PRO A 95 -20.65 7.48 -2.12
N HIS A 96 -20.50 6.33 -1.46
CA HIS A 96 -21.29 5.15 -1.80
C HIS A 96 -22.54 5.11 -0.96
N PRO A 97 -23.70 4.84 -1.59
CA PRO A 97 -25.00 4.79 -0.91
C PRO A 97 -25.06 3.85 0.29
N ALA A 98 -24.17 2.86 0.34
CA ALA A 98 -24.10 1.92 1.45
C ALA A 98 -23.53 2.56 2.72
N GLY A 99 -22.67 3.57 2.53
CA GLY A 99 -22.05 4.28 3.65
C GLY A 99 -22.93 5.34 4.30
N LEU A 100 -23.99 5.73 3.60
CA LEU A 100 -24.94 6.72 4.10
C LEU A 100 -25.81 6.16 5.23
N LYS A 101 -26.37 7.06 6.04
CA LYS A 101 -27.20 6.67 7.17
C LYS A 101 -28.70 6.74 6.84
N LYS A 102 -29.48 5.87 7.47
CA LYS A 102 -30.92 5.84 7.28
C LYS A 102 -31.59 7.01 7.98
N LYS A 103 -32.38 7.79 7.23
CA LYS A 103 -33.04 8.98 7.75
C LYS A 103 -34.55 8.93 7.56
N LYS A 104 -35.27 9.66 8.40
CA LYS A 104 -36.73 9.72 8.35
C LYS A 104 -37.22 10.57 7.18
N SER A 105 -36.62 11.75 7.01
CA SER A 105 -36.99 12.66 5.93
C SER A 105 -35.75 13.27 5.26
N VAL A 106 -35.74 13.26 3.93
CA VAL A 106 -34.61 13.79 3.15
C VAL A 106 -35.10 14.87 2.18
N THR A 107 -34.33 15.95 2.06
CA THR A 107 -34.67 17.06 1.18
C THR A 107 -33.46 17.54 0.39
N VAL A 108 -33.65 17.77 -0.91
CA VAL A 108 -32.59 18.29 -1.79
C VAL A 108 -32.84 19.76 -2.14
N LEU A 109 -31.76 20.52 -2.30
CA LEU A 109 -31.84 21.94 -2.64
C LEU A 109 -30.94 22.25 -3.84
N ASP A 110 -31.52 22.86 -4.86
CA ASP A 110 -30.79 23.20 -6.08
C ASP A 110 -30.40 24.68 -6.12
N VAL A 111 -29.09 24.94 -6.13
CA VAL A 111 -28.57 26.30 -6.16
C VAL A 111 -28.18 26.69 -7.59
N GLU A 122 -9.31 40.08 -7.56
CA GLU A 122 -9.57 41.18 -8.48
C GLU A 122 -8.50 41.24 -9.57
N ASP A 123 -7.29 40.83 -9.22
CA ASP A 123 -6.15 40.83 -10.15
C ASP A 123 -6.25 39.71 -11.18
N PHE A 124 -6.99 38.65 -10.84
CA PHE A 124 -7.17 37.50 -11.72
C PHE A 124 -8.30 37.72 -12.73
N ARG A 125 -9.10 38.76 -12.50
CA ARG A 125 -10.26 39.07 -13.34
C ARG A 125 -9.91 39.46 -14.78
N LYS A 126 -8.70 39.98 -14.98
CA LYS A 126 -8.26 40.46 -16.29
C LYS A 126 -7.92 39.33 -17.28
N TYR A 127 -7.66 38.13 -16.75
CA TYR A 127 -7.33 36.97 -17.56
C TYR A 127 -8.58 36.29 -18.14
N THR A 128 -9.73 36.60 -17.58
CA THR A 128 -11.01 36.04 -18.01
C THR A 128 -11.70 36.90 -19.08
N ALA A 129 -10.93 37.77 -19.72
CA ALA A 129 -11.45 38.69 -20.74
C ALA A 129 -11.78 37.97 -22.04
N PHE A 130 -12.95 38.28 -22.59
CA PHE A 130 -13.42 37.64 -23.83
C PHE A 130 -13.97 38.66 -24.84
N THR A 131 -13.70 38.41 -26.12
CA THR A 131 -14.16 39.26 -27.21
C THR A 131 -15.29 38.58 -27.97
N ILE A 132 -16.24 39.37 -28.46
CA ILE A 132 -17.41 38.85 -29.19
C ILE A 132 -17.03 38.31 -30.58
N ILE A 135 -17.94 41.89 -36.25
CA ILE A 135 -19.11 41.95 -37.12
C ILE A 135 -18.70 41.81 -38.59
N ASN A 136 -17.78 42.67 -39.03
CA ASN A 136 -17.31 42.66 -40.42
C ASN A 136 -15.81 42.95 -40.54
N ASN A 137 -15.05 41.92 -40.89
CA ASN A 137 -13.61 42.00 -41.13
C ASN A 137 -12.78 42.60 -39.99
N GLU A 138 -12.54 41.80 -38.95
CA GLU A 138 -11.70 42.16 -37.81
C GLU A 138 -12.02 43.51 -37.17
N THR A 139 -13.28 43.69 -36.76
CA THR A 139 -13.71 44.87 -36.03
C THR A 139 -13.18 44.84 -34.60
N PRO A 140 -12.90 46.02 -34.01
CA PRO A 140 -12.38 46.16 -32.64
C PRO A 140 -12.92 45.13 -31.64
N GLY A 141 -14.24 44.92 -31.65
CA GLY A 141 -14.87 43.90 -30.80
C GLY A 141 -15.25 44.40 -29.42
N ILE A 142 -16.28 43.79 -28.86
CA ILE A 142 -16.76 44.13 -27.52
C ILE A 142 -15.93 43.42 -26.46
N ARG A 143 -15.48 44.16 -25.46
CA ARG A 143 -14.59 43.63 -24.43
C ARG A 143 -15.26 43.57 -23.06
N TYR A 144 -15.37 42.37 -22.52
CA TYR A 144 -15.89 42.13 -21.17
C TYR A 144 -14.92 41.29 -20.34
N GLN A 145 -15.05 41.37 -19.02
CA GLN A 145 -14.27 40.54 -18.09
C GLN A 145 -15.11 40.11 -16.89
N TYR A 146 -14.93 38.86 -16.48
CA TYR A 146 -15.68 38.28 -15.36
C TYR A 146 -15.27 38.86 -14.01
N ASN A 147 -16.27 39.25 -13.22
CA ASN A 147 -16.06 39.70 -11.85
C ASN A 147 -16.34 38.59 -10.84
N VAL A 148 -17.25 37.69 -11.21
CA VAL A 148 -17.59 36.51 -10.41
C VAL A 148 -16.96 35.25 -11.00
N LEU A 149 -17.32 34.09 -10.44
CA LEU A 149 -16.80 32.80 -10.89
C LEU A 149 -17.43 32.38 -12.23
N PRO A 150 -16.60 32.16 -13.26
CA PRO A 150 -17.09 31.73 -14.57
C PRO A 150 -17.16 30.21 -14.71
N GLN A 151 -18.29 29.72 -15.23
CA GLN A 151 -18.51 28.28 -15.41
C GLN A 151 -17.68 27.72 -16.56
N GLY A 152 -17.16 26.51 -16.37
CA GLY A 152 -16.32 25.86 -17.37
C GLY A 152 -14.84 26.06 -17.13
N TRP A 153 -14.49 26.66 -15.99
CA TRP A 153 -13.11 26.92 -15.62
C TRP A 153 -12.55 25.83 -14.76
N LYS A 154 -11.34 26.05 -14.23
CA LYS A 154 -10.65 25.06 -13.42
C LYS A 154 -10.96 25.19 -11.92
N GLY A 155 -10.79 26.40 -11.39
CA GLY A 155 -10.97 26.65 -9.96
C GLY A 155 -12.33 27.16 -9.55
N SER A 156 -13.30 27.08 -10.45
CA SER A 156 -14.67 27.52 -10.18
C SER A 156 -15.44 26.64 -9.20
N PRO A 157 -15.37 25.29 -9.36
CA PRO A 157 -16.04 24.43 -8.39
C PRO A 157 -15.26 24.29 -7.07
N ALA A 158 -13.97 24.59 -7.10
CA ALA A 158 -13.10 24.49 -5.92
C ALA A 158 -13.36 25.59 -4.91
N ILE A 159 -13.49 26.83 -5.41
CA ILE A 159 -13.77 28.00 -4.57
C ILE A 159 -15.22 27.98 -4.07
N PHE A 160 -16.13 27.52 -4.93
CA PHE A 160 -17.56 27.44 -4.62
C PHE A 160 -17.85 26.55 -3.40
N GLN A 161 -17.18 25.40 -3.35
CA GLN A 161 -17.34 24.46 -2.24
C GLN A 161 -16.67 24.97 -0.96
N SER A 162 -15.49 25.59 -1.12
CA SER A 162 -14.74 26.16 -0.01
C SER A 162 -15.48 27.32 0.66
N SER A 163 -16.19 28.10 -0.15
CA SER A 163 -17.02 29.20 0.36
C SER A 163 -18.29 28.68 1.01
N MET A 164 -18.82 27.57 0.50
CA MET A 164 -20.04 26.96 1.01
C MET A 164 -19.83 26.30 2.37
N THR A 165 -18.64 25.70 2.56
CA THR A 165 -18.29 25.03 3.81
C THR A 165 -18.22 26.01 4.98
N LYS A 166 -17.75 27.22 4.71
CA LYS A 166 -17.65 28.28 5.71
C LYS A 166 -19.03 28.83 6.11
N ILE A 167 -19.96 28.83 5.15
CA ILE A 167 -21.32 29.29 5.38
C ILE A 167 -22.13 28.26 6.17
N LEU A 168 -21.91 26.98 5.88
CA LEU A 168 -22.63 25.89 6.54
C LEU A 168 -22.12 25.58 7.95
N GLU A 169 -20.90 26.03 8.26
CA GLU A 169 -20.25 25.76 9.55
C GLU A 169 -21.08 26.15 10.79
N PRO A 170 -21.63 27.39 10.82
CA PRO A 170 -22.48 27.78 11.96
C PRO A 170 -23.76 26.96 12.07
N PHE A 171 -24.32 26.55 10.93
CA PHE A 171 -25.54 25.75 10.90
C PHE A 171 -25.30 24.31 11.34
N ARG A 172 -24.11 23.79 11.02
CA ARG A 172 -23.71 22.43 11.39
C ARG A 172 -23.48 22.31 12.91
N LYS A 173 -22.96 23.36 13.52
CA LYS A 173 -22.71 23.40 14.96
C LYS A 173 -24.00 23.58 15.75
N GLN A 174 -24.90 24.42 15.22
CA GLN A 174 -26.21 24.66 15.84
C GLN A 174 -27.14 23.46 15.68
N ASN A 175 -26.99 22.75 14.56
CA ASN A 175 -27.78 21.55 14.29
C ASN A 175 -26.90 20.33 13.98
N PRO A 176 -26.37 19.68 15.03
CA PRO A 176 -25.54 18.48 14.85
C PRO A 176 -26.36 17.21 14.63
N ASP A 177 -27.64 17.28 14.98
CA ASP A 177 -28.57 16.15 14.83
C ASP A 177 -28.90 15.85 13.37
N ILE A 178 -28.85 16.88 12.53
CA ILE A 178 -29.11 16.72 11.10
C ILE A 178 -27.81 16.54 10.31
N VAL A 179 -27.90 15.88 9.17
CA VAL A 179 -26.73 15.62 8.32
C VAL A 179 -26.88 16.32 6.96
N ILE A 180 -25.93 17.20 6.66
CA ILE A 180 -25.92 17.93 5.38
C ILE A 180 -24.74 17.51 4.52
N TYR A 181 -25.03 17.12 3.28
CA TYR A 181 -24.00 16.74 2.31
C TYR A 181 -24.05 17.68 1.10
N GLN A 182 -22.86 18.13 0.68
CA GLN A 182 -22.75 19.06 -0.46
C GLN A 182 -22.12 18.40 -1.69
N TYR A 183 -22.75 18.62 -2.84
CA TYR A 183 -22.29 18.07 -4.12
C TYR A 183 -22.48 19.08 -5.24
N MET A 184 -21.37 19.56 -5.79
CA MET A 184 -21.35 20.57 -6.87
C MET A 184 -22.18 21.81 -6.49
N ASP A 185 -23.44 21.83 -6.94
CA ASP A 185 -24.36 22.93 -6.65
C ASP A 185 -25.51 22.46 -5.75
N ASP A 186 -25.81 21.17 -5.81
CA ASP A 186 -26.90 20.57 -5.05
C ASP A 186 -26.52 20.29 -3.60
N LEU A 187 -27.49 20.42 -2.70
CA LEU A 187 -27.28 20.13 -1.27
C LEU A 187 -28.28 19.11 -0.76
N TYR A 188 -27.77 18.04 -0.17
CA TYR A 188 -28.60 16.97 0.37
C TYR A 188 -28.71 17.07 1.90
N VAL A 189 -29.92 17.29 2.39
CA VAL A 189 -30.18 17.42 3.83
C VAL A 189 -31.09 16.29 4.30
N GLY A 190 -30.65 15.57 5.33
CA GLY A 190 -31.43 14.46 5.90
C GLY A 190 -31.36 14.40 7.41
N SER A 191 -32.48 14.04 8.03
CA SER A 191 -32.59 13.94 9.48
C SER A 191 -33.53 12.83 9.94
N ASP A 192 -33.44 12.46 11.22
CA ASP A 192 -34.31 11.46 11.82
C ASP A 192 -35.53 12.10 12.48
N LEU A 193 -35.64 13.43 12.37
CA LEU A 193 -36.76 14.19 12.93
C LEU A 193 -38.06 13.96 12.15
N GLU A 194 -39.18 14.32 12.77
CA GLU A 194 -40.50 14.20 12.15
C GLU A 194 -40.68 15.17 10.99
N ILE A 195 -41.63 14.87 10.10
CA ILE A 195 -41.88 15.65 8.88
C ILE A 195 -42.21 17.13 9.15
N GLY A 196 -42.81 17.40 10.31
CA GLY A 196 -43.14 18.77 10.72
C GLY A 196 -41.92 19.54 11.17
N GLN A 197 -41.04 18.88 11.91
CA GLN A 197 -39.82 19.50 12.43
C GLN A 197 -38.73 19.62 11.36
N HIS A 198 -38.74 18.67 10.41
CA HIS A 198 -37.76 18.64 9.32
C HIS A 198 -37.99 19.73 8.31
N ARG A 199 -39.26 19.99 8.01
CA ARG A 199 -39.64 21.00 7.01
C ARG A 199 -39.32 22.42 7.46
N THR A 200 -39.35 22.64 8.77
CA THR A 200 -39.09 23.95 9.37
C THR A 200 -37.59 24.28 9.34
N LYS A 201 -36.75 23.26 9.55
CA LYS A 201 -35.30 23.43 9.59
C LYS A 201 -34.68 23.72 8.23
N ILE A 202 -35.33 23.26 7.17
CA ILE A 202 -34.90 23.52 5.79
C ILE A 202 -35.10 24.99 5.41
N GLU A 203 -36.21 25.57 5.89
CA GLU A 203 -36.50 26.99 5.68
C GLU A 203 -35.49 27.88 6.41
N GLU A 204 -35.05 27.43 7.59
CA GLU A 204 -34.02 28.11 8.37
C GLU A 204 -32.65 28.04 7.68
N LEU A 205 -32.42 26.95 6.95
CA LEU A 205 -31.21 26.76 6.17
C LEU A 205 -31.22 27.68 4.95
N ARG A 206 -32.40 27.84 4.35
CA ARG A 206 -32.60 28.70 3.17
C ARG A 206 -32.35 30.18 3.47
N GLN A 207 -32.81 30.63 4.62
CA GLN A 207 -32.64 32.02 5.05
C GLN A 207 -31.19 32.38 5.32
N HIS A 208 -30.41 31.38 5.74
CA HIS A 208 -28.99 31.54 6.00
C HIS A 208 -28.19 31.63 4.73
N LEU A 209 -28.63 30.89 3.70
CA LEU A 209 -28.00 30.92 2.39
C LEU A 209 -28.37 32.17 1.59
N LEU A 210 -29.59 32.67 1.81
CA LEU A 210 -30.09 33.85 1.12
C LEU A 210 -29.45 35.15 1.64
N ARG A 211 -28.84 35.07 2.81
CA ARG A 211 -28.07 36.18 3.38
C ARG A 211 -26.86 36.52 2.52
N TRP A 212 -26.19 35.49 2.00
CA TRP A 212 -25.03 35.65 1.14
C TRP A 212 -25.41 35.86 -0.30
N GLY A 213 -26.61 35.42 -0.65
CA GLY A 213 -27.14 35.60 -2.01
C GLY A 213 -27.19 34.30 -2.80
N LEU A 214 -27.80 33.28 -2.21
CA LEU A 214 -27.95 31.97 -2.85
C LEU A 214 -29.41 31.59 -2.99
N THR A 215 -29.84 31.38 -4.23
CA THR A 215 -31.24 31.07 -4.55
C THR A 215 -31.54 29.59 -4.33
N THR A 216 -32.58 29.32 -3.55
CA THR A 216 -33.02 27.95 -3.25
C THR A 216 -34.52 27.79 -3.49
N PRO A 217 -34.94 26.62 -4.02
CA PRO A 217 -36.35 26.37 -4.31
C PRO A 217 -37.22 26.28 -3.04
N ASP A 218 -38.47 26.72 -3.16
CA ASP A 218 -39.41 26.71 -2.03
C ASP A 218 -40.05 25.33 -1.83
N LYS A 219 -40.85 25.20 -0.78
CA LYS A 219 -41.48 23.93 -0.38
C LYS A 219 -42.22 23.22 -1.53
N LYS A 220 -42.97 23.99 -2.31
CA LYS A 220 -43.73 23.45 -3.45
C LYS A 220 -42.83 23.08 -4.63
N HIS A 221 -41.68 23.76 -4.73
CA HIS A 221 -40.73 23.54 -5.81
C HIS A 221 -39.68 22.52 -5.48
N GLN A 222 -39.68 22.05 -4.24
CA GLN A 222 -38.73 21.03 -3.78
C GLN A 222 -39.02 19.65 -4.38
N LYS A 223 -37.96 18.90 -4.66
CA LYS A 223 -38.07 17.57 -5.25
C LYS A 223 -38.44 16.50 -4.22
N GLU A 224 -39.19 15.50 -4.66
CA GLU A 224 -39.62 14.40 -3.80
C GLU A 224 -38.49 13.39 -3.52
N PRO A 225 -38.65 12.57 -2.46
CA PRO A 225 -37.63 11.59 -2.02
C PRO A 225 -36.99 10.64 -3.06
N PRO A 226 -37.69 10.33 -4.17
CA PRO A 226 -36.95 9.60 -5.21
C PRO A 226 -35.89 10.47 -5.90
N PHE A 227 -34.68 10.48 -5.33
CA PHE A 227 -33.58 11.29 -5.88
C PHE A 227 -32.75 10.49 -6.87
N LEU A 228 -32.33 11.16 -7.95
CA LEU A 228 -31.46 10.55 -8.95
C LEU A 228 -30.06 11.18 -8.87
N TRP A 229 -29.13 10.43 -8.28
CA TRP A 229 -27.76 10.91 -8.08
C TRP A 229 -26.75 9.87 -8.46
N MET A 230 -25.86 10.24 -9.39
CA MET A 230 -24.79 9.36 -9.90
C MET A 230 -25.30 8.01 -10.44
N GLY A 231 -26.53 8.00 -10.93
CA GLY A 231 -27.15 6.77 -11.46
C GLY A 231 -27.96 6.00 -10.43
N TYR A 232 -27.81 6.37 -9.16
CA TYR A 232 -28.51 5.71 -8.06
C TYR A 232 -29.86 6.37 -7.79
N GLU A 233 -30.89 5.55 -7.64
CA GLU A 233 -32.22 6.01 -7.22
C GLU A 233 -32.31 5.88 -5.69
N LEU A 234 -32.17 7.02 -5.01
CA LEU A 234 -32.09 7.06 -3.55
C LEU A 234 -33.46 7.09 -2.88
N HIS A 235 -33.54 6.45 -1.71
CA HIS A 235 -34.75 6.44 -0.88
C HIS A 235 -34.35 6.59 0.57
N PRO A 236 -35.28 7.06 1.43
CA PRO A 236 -34.96 7.25 2.86
C PRO A 236 -34.57 5.99 3.62
N ASP A 237 -35.08 4.83 3.18
CA ASP A 237 -34.82 3.57 3.88
C ASP A 237 -33.96 2.57 3.09
N LYS A 238 -34.02 2.65 1.76
CA LYS A 238 -33.26 1.75 0.89
C LYS A 238 -32.62 2.50 -0.28
N TRP A 239 -31.84 1.79 -1.09
CA TRP A 239 -31.27 2.36 -2.31
C TRP A 239 -31.18 1.34 -3.42
N THR A 240 -31.52 1.77 -4.63
CA THR A 240 -31.47 0.90 -5.80
C THR A 240 -30.94 1.64 -7.03
N VAL A 241 -30.43 0.89 -8.00
CA VAL A 241 -29.90 1.46 -9.24
C VAL A 241 -30.95 1.39 -10.36
N GLN A 242 -30.82 2.29 -11.34
CA GLN A 242 -31.72 2.32 -12.50
C GLN A 242 -31.68 1.00 -13.27
N PRO A 243 -32.85 0.51 -13.70
CA PRO A 243 -32.98 -0.78 -14.40
C PRO A 243 -32.04 -0.90 -15.61
N ILE A 244 -31.26 -1.97 -15.64
CA ILE A 244 -30.29 -2.21 -16.72
C ILE A 244 -30.91 -3.09 -17.80
N VAL A 245 -31.03 -2.55 -19.00
CA VAL A 245 -31.60 -3.27 -20.14
C VAL A 245 -30.55 -3.41 -21.25
N ASP A 250 -28.18 -12.16 -31.63
CA ASP A 250 -27.27 -11.89 -32.75
C ASP A 250 -25.85 -11.62 -32.27
N SER A 251 -24.87 -11.98 -33.10
CA SER A 251 -23.46 -11.78 -32.78
C SER A 251 -23.07 -10.31 -32.88
N TRP A 252 -23.01 -9.65 -31.73
CA TRP A 252 -22.65 -8.24 -31.64
C TRP A 252 -21.18 -8.02 -31.80
N THR A 253 -20.80 -6.78 -32.09
CA THR A 253 -19.39 -6.41 -32.32
C THR A 253 -18.56 -6.37 -31.04
N VAL A 254 -17.24 -6.16 -31.19
CA VAL A 254 -16.28 -6.19 -30.08
C VAL A 254 -16.54 -5.13 -29.00
N ASN A 255 -16.81 -3.90 -29.42
CA ASN A 255 -17.04 -2.79 -28.48
C ASN A 255 -18.37 -2.89 -27.74
N ASP A 256 -19.32 -3.60 -28.34
CA ASP A 256 -20.62 -3.87 -27.70
C ASP A 256 -20.48 -4.86 -26.55
N ILE A 257 -19.47 -5.73 -26.63
CA ILE A 257 -19.11 -6.62 -25.53
C ILE A 257 -18.55 -5.80 -24.37
N GLN A 258 -17.71 -4.82 -24.69
CA GLN A 258 -17.17 -3.88 -23.71
C GLN A 258 -18.26 -3.01 -23.09
N LYS A 259 -19.30 -2.73 -23.87
CA LYS A 259 -20.49 -2.04 -23.38
C LYS A 259 -21.30 -2.92 -22.42
N LEU A 260 -21.27 -4.23 -22.67
CA LEU A 260 -21.96 -5.20 -21.82
C LEU A 260 -21.19 -5.45 -20.53
N VAL A 261 -19.86 -5.48 -20.63
CA VAL A 261 -18.99 -5.66 -19.46
C VAL A 261 -19.12 -4.48 -18.50
N GLY A 262 -19.15 -3.27 -19.05
CA GLY A 262 -19.30 -2.04 -18.26
C GLY A 262 -20.60 -1.98 -17.48
N LYS A 263 -21.68 -2.48 -18.08
CA LYS A 263 -22.98 -2.54 -17.43
C LYS A 263 -23.03 -3.59 -16.32
N LEU A 264 -22.33 -4.71 -16.54
CA LEU A 264 -22.22 -5.77 -15.55
C LEU A 264 -21.33 -5.38 -14.37
N ASN A 265 -20.26 -4.64 -14.66
CA ASN A 265 -19.36 -4.10 -13.64
C ASN A 265 -20.05 -3.05 -12.78
N TRP A 266 -20.93 -2.28 -13.41
CA TRP A 266 -21.74 -1.27 -12.73
C TRP A 266 -22.81 -1.89 -11.87
N ALA A 267 -23.29 -3.07 -12.29
CA ALA A 267 -24.31 -3.81 -11.55
C ALA A 267 -23.72 -4.70 -10.46
N SER A 268 -22.40 -4.88 -10.49
CA SER A 268 -21.68 -5.75 -9.55
C SER A 268 -21.72 -5.26 -8.11
N GLN A 269 -21.98 -3.97 -7.92
CA GLN A 269 -22.04 -3.36 -6.59
C GLN A 269 -23.28 -3.75 -5.79
N ILE A 270 -24.35 -4.14 -6.50
CA ILE A 270 -25.61 -4.52 -5.87
C ILE A 270 -26.00 -5.98 -6.16
N TYR A 271 -25.78 -6.42 -7.40
CA TYR A 271 -26.02 -7.82 -7.77
C TYR A 271 -24.82 -8.68 -7.38
N PRO A 272 -25.04 -9.70 -6.53
CA PRO A 272 -23.95 -10.52 -5.98
C PRO A 272 -23.33 -11.51 -6.98
N GLY A 273 -24.17 -12.18 -7.77
CA GLY A 273 -23.71 -13.22 -8.69
C GLY A 273 -23.47 -12.69 -10.11
N ILE A 274 -22.31 -12.08 -10.31
CA ILE A 274 -21.93 -11.53 -11.63
C ILE A 274 -20.62 -12.14 -12.10
N LYS A 275 -20.66 -12.80 -13.25
CA LYS A 275 -19.48 -13.39 -13.87
C LYS A 275 -19.18 -12.68 -15.19
N VAL A 276 -17.95 -12.17 -15.31
CA VAL A 276 -17.56 -11.37 -16.48
C VAL A 276 -16.32 -11.88 -17.21
N ARG A 277 -15.57 -12.77 -16.55
CA ARG A 277 -14.28 -13.26 -17.03
C ARG A 277 -14.24 -13.81 -18.46
N GLN A 278 -15.31 -14.49 -18.87
CA GLN A 278 -15.39 -15.07 -20.22
C GLN A 278 -15.52 -14.02 -21.31
N LEU A 279 -16.21 -12.91 -20.99
CA LEU A 279 -16.31 -11.77 -21.89
C LEU A 279 -14.99 -10.99 -21.95
N CYS A 280 -14.23 -11.06 -20.85
CA CYS A 280 -12.92 -10.43 -20.75
C CYS A 280 -11.88 -11.19 -21.57
N LYS A 281 -12.05 -12.50 -21.66
CA LYS A 281 -11.18 -13.36 -22.48
C LYS A 281 -11.39 -13.10 -23.97
N LEU A 282 -12.60 -12.68 -24.33
CA LEU A 282 -12.93 -12.27 -25.69
C LEU A 282 -12.34 -10.90 -26.01
N LEU A 283 -12.09 -10.11 -24.96
CA LEU A 283 -11.51 -8.78 -25.10
C LEU A 283 -9.98 -8.79 -25.18
N ARG A 284 -9.40 -9.99 -25.16
CA ARG A 284 -7.96 -10.17 -25.37
C ARG A 284 -7.55 -9.92 -26.82
N GLY A 285 -8.54 -9.65 -27.68
CA GLY A 285 -8.32 -9.22 -29.05
C GLY A 285 -7.76 -7.81 -29.11
N THR A 286 -7.30 -7.39 -30.28
CA THR A 286 -6.57 -6.13 -30.40
C THR A 286 -7.10 -5.20 -31.51
N LYS A 287 -7.15 -3.91 -31.19
CA LYS A 287 -7.37 -2.81 -32.14
C LYS A 287 -8.76 -2.71 -32.78
N ALA A 288 -9.10 -3.69 -33.62
CA ALA A 288 -10.31 -3.66 -34.46
C ALA A 288 -11.56 -3.08 -33.79
N LEU A 289 -12.22 -2.16 -34.48
CA LEU A 289 -13.46 -1.53 -33.99
C LEU A 289 -14.68 -2.37 -34.34
N THR A 290 -14.68 -2.96 -35.53
CA THR A 290 -15.78 -3.81 -35.98
C THR A 290 -15.27 -5.20 -36.37
N GLU A 291 -14.74 -5.92 -35.38
CA GLU A 291 -14.23 -7.27 -35.57
C GLU A 291 -15.38 -8.28 -35.64
N VAL A 292 -16.45 -7.99 -34.89
CA VAL A 292 -17.61 -8.88 -34.73
C VAL A 292 -17.15 -10.25 -34.19
N ILE A 293 -16.83 -10.27 -32.90
CA ILE A 293 -16.34 -11.48 -32.25
C ILE A 293 -17.49 -12.41 -31.88
N PRO A 294 -17.48 -13.64 -32.40
CA PRO A 294 -18.50 -14.64 -32.05
C PRO A 294 -18.34 -15.17 -30.63
N LEU A 295 -19.44 -15.66 -30.06
CA LEU A 295 -19.42 -16.18 -28.69
C LEU A 295 -19.07 -17.67 -28.63
N THR A 296 -18.43 -18.06 -27.54
CA THR A 296 -18.17 -19.48 -27.25
C THR A 296 -19.24 -20.00 -26.30
N GLU A 297 -19.38 -21.32 -26.24
CA GLU A 297 -20.42 -21.97 -25.41
C GLU A 297 -20.32 -21.58 -23.94
N GLU A 298 -19.09 -21.51 -23.43
CA GLU A 298 -18.84 -21.14 -22.03
C GLU A 298 -19.02 -19.64 -21.76
N ALA A 299 -18.85 -18.82 -22.79
CA ALA A 299 -19.02 -17.38 -22.70
C ALA A 299 -20.49 -16.97 -22.64
N GLU A 300 -21.31 -17.63 -23.46
CA GLU A 300 -22.75 -17.38 -23.50
C GLU A 300 -23.47 -18.04 -22.33
N LEU A 301 -22.82 -19.05 -21.73
CA LEU A 301 -23.36 -19.77 -20.58
C LEU A 301 -23.44 -18.85 -19.36
N GLU A 302 -22.36 -18.13 -19.08
CA GLU A 302 -22.33 -17.18 -17.97
C GLU A 302 -23.07 -15.88 -18.30
N LEU A 303 -23.23 -15.61 -19.59
CA LEU A 303 -23.97 -14.44 -20.07
C LEU A 303 -25.47 -14.64 -19.91
N ALA A 304 -25.93 -15.87 -20.12
CA ALA A 304 -27.35 -16.22 -20.00
C ALA A 304 -27.82 -16.25 -18.55
N GLU A 305 -26.96 -16.70 -17.64
CA GLU A 305 -27.29 -16.76 -16.22
C GLU A 305 -27.23 -15.38 -15.55
N ASN A 306 -26.43 -14.48 -16.11
CA ASN A 306 -26.36 -13.09 -15.65
C ASN A 306 -27.60 -12.29 -16.03
N ARG A 307 -28.27 -12.70 -17.10
CA ARG A 307 -29.55 -12.14 -17.50
C ARG A 307 -30.63 -12.48 -16.49
N GLU A 308 -30.53 -13.68 -15.91
CA GLU A 308 -31.48 -14.17 -14.91
C GLU A 308 -31.34 -13.43 -13.58
N ILE A 309 -30.12 -13.02 -13.24
CA ILE A 309 -29.83 -12.28 -12.02
C ILE A 309 -30.40 -10.85 -12.12
N LEU A 310 -30.28 -10.26 -13.31
CA LEU A 310 -30.76 -8.89 -13.55
C LEU A 310 -32.28 -8.79 -13.69
N LYS A 311 -32.96 -9.94 -13.75
CA LYS A 311 -34.42 -9.98 -13.88
C LYS A 311 -35.14 -9.48 -12.63
N GLU A 312 -34.85 -10.10 -11.49
CA GLU A 312 -35.48 -9.75 -10.22
C GLU A 312 -34.85 -8.50 -9.62
N PRO A 313 -35.67 -7.49 -9.27
CA PRO A 313 -35.19 -6.23 -8.69
C PRO A 313 -34.67 -6.40 -7.27
N VAL A 314 -33.52 -5.81 -6.98
CA VAL A 314 -32.91 -5.85 -5.65
C VAL A 314 -32.59 -4.46 -5.12
N HIS A 315 -32.50 -4.35 -3.79
CA HIS A 315 -32.23 -3.07 -3.13
C HIS A 315 -31.17 -3.19 -2.08
N GLY A 316 -30.48 -2.08 -1.81
CA GLY A 316 -29.43 -2.03 -0.80
C GLY A 316 -29.90 -1.43 0.52
N VAL A 317 -29.17 -1.72 1.59
CA VAL A 317 -29.52 -1.24 2.92
C VAL A 317 -28.46 -0.26 3.43
N TYR A 318 -28.91 0.76 4.17
CA TYR A 318 -28.02 1.77 4.74
C TYR A 318 -27.26 1.27 5.97
N TYR A 319 -26.21 1.99 6.34
CA TYR A 319 -25.34 1.61 7.45
C TYR A 319 -25.89 2.08 8.80
N ASP A 320 -25.77 1.21 9.80
CA ASP A 320 -26.15 1.52 11.18
C ASP A 320 -24.91 1.39 12.08
N PRO A 321 -24.54 2.49 12.78
CA PRO A 321 -23.33 2.55 13.60
C PRO A 321 -23.31 1.57 14.78
N SER A 322 -24.49 1.13 15.23
CA SER A 322 -24.59 0.22 16.37
C SER A 322 -24.23 -1.23 16.03
N LYS A 323 -24.73 -1.71 14.88
CA LYS A 323 -24.50 -3.08 14.45
C LYS A 323 -23.13 -3.28 13.79
N ASP A 324 -22.57 -4.47 13.94
CA ASP A 324 -21.28 -4.82 13.36
C ASP A 324 -21.41 -5.24 11.90
N LEU A 325 -20.34 -5.03 11.13
CA LEU A 325 -20.30 -5.37 9.71
C LEU A 325 -19.86 -6.82 9.52
N ILE A 326 -20.60 -7.56 8.69
CA ILE A 326 -20.29 -8.96 8.40
C ILE A 326 -20.13 -9.17 6.89
N ALA A 327 -19.01 -9.76 6.50
CA ALA A 327 -18.72 -10.05 5.09
C ALA A 327 -18.52 -11.55 4.87
N GLU A 328 -19.00 -12.04 3.74
CA GLU A 328 -18.92 -13.47 3.40
C GLU A 328 -18.26 -13.68 2.03
N ILE A 329 -17.42 -14.71 1.94
CA ILE A 329 -16.65 -14.99 0.73
C ILE A 329 -17.10 -16.31 0.08
N GLN A 330 -17.27 -16.29 -1.24
CA GLN A 330 -17.62 -17.48 -2.01
C GLN A 330 -16.70 -17.64 -3.22
N LYS A 331 -16.28 -18.88 -3.48
CA LYS A 331 -15.49 -19.21 -4.66
C LYS A 331 -16.42 -19.72 -5.77
N GLN A 332 -16.67 -18.88 -6.76
CA GLN A 332 -17.60 -19.21 -7.85
C GLN A 332 -16.97 -19.98 -9.00
N GLY A 333 -15.67 -19.83 -9.19
CA GLY A 333 -14.95 -20.52 -10.26
C GLY A 333 -13.45 -20.27 -10.30
N GLN A 334 -12.88 -20.44 -11.49
CA GLN A 334 -11.43 -20.26 -11.70
C GLN A 334 -11.03 -18.79 -11.70
N GLY A 335 -10.32 -18.39 -10.65
CA GLY A 335 -9.86 -17.01 -10.49
C GLY A 335 -10.99 -16.01 -10.33
N GLN A 336 -12.04 -16.41 -9.62
CA GLN A 336 -13.20 -15.56 -9.39
C GLN A 336 -13.73 -15.69 -7.96
N TRP A 337 -13.95 -14.54 -7.33
CA TRP A 337 -14.46 -14.48 -5.95
C TRP A 337 -15.54 -13.44 -5.84
N THR A 338 -16.61 -13.77 -5.11
CA THR A 338 -17.72 -12.85 -4.89
C THR A 338 -17.97 -12.65 -3.40
N TYR A 339 -18.28 -11.41 -3.02
CA TYR A 339 -18.54 -11.07 -1.62
C TYR A 339 -19.79 -10.22 -1.44
N GLN A 340 -20.47 -10.42 -0.31
CA GLN A 340 -21.61 -9.59 0.09
C GLN A 340 -21.46 -9.12 1.54
N ILE A 341 -21.53 -7.81 1.73
CA ILE A 341 -21.38 -7.20 3.06
C ILE A 341 -22.75 -6.83 3.62
N TYR A 342 -23.05 -7.36 4.81
CA TYR A 342 -24.35 -7.15 5.44
C TYR A 342 -24.23 -7.00 6.96
N GLN A 343 -25.11 -6.19 7.54
CA GLN A 343 -25.23 -6.08 8.99
C GLN A 343 -26.33 -7.01 9.51
N GLU A 344 -27.38 -7.15 8.70
CA GLU A 344 -28.47 -8.09 8.97
C GLU A 344 -28.56 -9.11 7.84
N PRO A 345 -28.84 -10.38 8.18
CA PRO A 345 -28.94 -11.44 7.17
C PRO A 345 -30.01 -11.16 6.10
N PHE A 346 -29.70 -11.53 4.86
CA PHE A 346 -30.56 -11.28 3.69
C PHE A 346 -30.77 -9.78 3.38
N LYS A 347 -30.14 -8.92 4.16
CA LYS A 347 -30.20 -7.48 3.96
C LYS A 347 -28.81 -6.94 3.63
N ASN A 348 -28.42 -7.07 2.37
CA ASN A 348 -27.09 -6.67 1.91
C ASN A 348 -26.90 -5.16 1.78
N LEU A 349 -25.72 -4.69 2.16
CA LEU A 349 -25.38 -3.28 2.06
C LEU A 349 -24.66 -3.00 0.73
N LYS A 350 -23.65 -3.82 0.43
CA LYS A 350 -22.87 -3.70 -0.80
C LYS A 350 -22.26 -5.05 -1.19
N THR A 351 -22.34 -5.37 -2.48
CA THR A 351 -21.69 -6.57 -3.02
C THR A 351 -20.53 -6.17 -3.95
N GLY A 352 -19.81 -7.17 -4.44
CA GLY A 352 -18.69 -6.94 -5.36
C GLY A 352 -18.05 -8.20 -5.88
N LYS A 353 -16.86 -8.06 -6.45
CA LYS A 353 -16.12 -9.18 -7.03
C LYS A 353 -14.60 -9.00 -6.92
N TYR A 354 -13.88 -10.12 -7.00
CA TYR A 354 -12.42 -10.11 -7.01
C TYR A 354 -11.90 -11.19 -7.97
N ALA A 355 -11.13 -10.77 -8.97
CA ALA A 355 -10.66 -11.68 -10.01
C ALA A 355 -9.16 -11.59 -10.26
N ARG A 356 -8.64 -10.36 -10.41
CA ARG A 356 -7.25 -10.13 -10.76
C ARG A 356 -6.35 -9.97 -9.53
N MET A 357 -6.32 -11.00 -8.68
CA MET A 357 -5.43 -11.04 -7.53
C MET A 357 -4.20 -11.87 -7.87
N ARG A 358 -3.05 -11.20 -7.90
CA ARG A 358 -1.76 -11.82 -8.28
C ARG A 358 -1.72 -12.31 -9.74
N GLY A 359 -0.58 -12.87 -10.14
CA GLY A 359 -0.37 -13.32 -11.51
C GLY A 359 -0.95 -14.69 -11.80
N ALA A 360 -0.11 -15.54 -12.40
CA ALA A 360 -0.52 -16.90 -12.80
C ALA A 360 -0.63 -17.84 -11.60
N HIS A 361 0.37 -17.83 -10.74
CA HIS A 361 0.36 -18.62 -9.50
C HIS A 361 -0.59 -17.98 -8.52
N THR A 362 -1.65 -18.71 -8.18
CA THR A 362 -2.75 -18.15 -7.40
C THR A 362 -2.71 -18.55 -5.93
N ASN A 363 -2.78 -19.85 -5.67
CA ASN A 363 -3.04 -20.41 -4.33
C ASN A 363 -4.38 -19.96 -3.76
N ASP A 364 -5.30 -20.92 -3.63
CA ASP A 364 -6.67 -20.66 -3.19
C ASP A 364 -6.77 -19.98 -1.82
N VAL A 365 -5.71 -20.08 -1.03
CA VAL A 365 -5.65 -19.46 0.29
C VAL A 365 -5.13 -18.01 0.20
N LYS A 366 -4.10 -17.80 -0.61
CA LYS A 366 -3.49 -16.49 -0.79
C LYS A 366 -4.40 -15.53 -1.58
N GLN A 367 -5.01 -16.05 -2.65
CA GLN A 367 -5.92 -15.27 -3.48
C GLN A 367 -7.18 -14.88 -2.71
N LEU A 368 -7.58 -15.73 -1.77
CA LEU A 368 -8.68 -15.42 -0.85
C LEU A 368 -8.29 -14.27 0.08
N THR A 369 -7.06 -14.32 0.59
CA THR A 369 -6.54 -13.30 1.50
C THR A 369 -6.33 -11.95 0.77
N GLU A 370 -5.95 -12.03 -0.50
CA GLU A 370 -5.81 -10.84 -1.35
C GLU A 370 -7.17 -10.20 -1.62
N ALA A 371 -8.20 -11.02 -1.70
CA ALA A 371 -9.59 -10.56 -1.86
C ALA A 371 -10.12 -9.95 -0.56
N VAL A 372 -9.73 -10.54 0.57
CA VAL A 372 -10.10 -10.04 1.90
C VAL A 372 -9.50 -8.67 2.16
N GLN A 373 -8.23 -8.51 1.81
CA GLN A 373 -7.50 -7.26 1.99
C GLN A 373 -8.09 -6.11 1.16
N LYS A 374 -8.68 -6.45 0.02
CA LYS A 374 -9.34 -5.49 -0.86
C LYS A 374 -10.62 -4.93 -0.20
N ILE A 375 -11.36 -5.81 0.48
CA ILE A 375 -12.58 -5.43 1.19
C ILE A 375 -12.26 -4.69 2.49
N THR A 376 -11.19 -5.11 3.15
CA THR A 376 -10.73 -4.50 4.40
C THR A 376 -10.42 -3.01 4.19
N THR A 377 -9.73 -2.70 3.10
CA THR A 377 -9.40 -1.32 2.73
C THR A 377 -10.65 -0.58 2.24
N GLU A 378 -11.54 -1.31 1.57
CA GLU A 378 -12.80 -0.77 1.06
C GLU A 378 -13.74 -0.33 2.18
N SER A 379 -13.74 -1.09 3.28
CA SER A 379 -14.58 -0.80 4.44
C SER A 379 -14.11 0.42 5.22
N ILE A 380 -12.80 0.70 5.16
CA ILE A 380 -12.21 1.88 5.80
C ILE A 380 -12.67 3.17 5.10
N VAL A 381 -12.74 3.11 3.77
CA VAL A 381 -13.18 4.24 2.97
C VAL A 381 -14.68 4.50 3.15
N ILE A 382 -15.47 3.44 3.04
CA ILE A 382 -16.93 3.56 3.06
C ILE A 382 -17.51 3.73 4.48
N TRP A 383 -17.22 2.78 5.37
CA TRP A 383 -17.84 2.76 6.69
C TRP A 383 -16.96 3.28 7.80
N GLY A 384 -15.65 3.05 7.67
CA GLY A 384 -14.67 3.56 8.64
C GLY A 384 -14.26 2.57 9.71
N LYS A 385 -14.64 1.31 9.53
CA LYS A 385 -14.24 0.24 10.45
C LYS A 385 -14.11 -1.11 9.74
N THR A 386 -13.27 -1.98 10.30
CA THR A 386 -13.01 -3.31 9.73
C THR A 386 -14.15 -4.28 10.01
N PRO A 387 -14.60 -5.02 8.99
CA PRO A 387 -15.71 -5.96 9.13
C PRO A 387 -15.28 -7.34 9.63
N LYS A 388 -16.20 -8.05 10.26
CA LYS A 388 -15.98 -9.43 10.70
C LYS A 388 -16.24 -10.38 9.53
N PHE A 389 -15.21 -11.11 9.13
CA PHE A 389 -15.28 -11.97 7.95
C PHE A 389 -15.79 -13.37 8.26
N LYS A 390 -16.42 -13.99 7.26
CA LYS A 390 -16.85 -15.38 7.34
C LYS A 390 -16.37 -16.13 6.10
N LEU A 391 -15.21 -16.76 6.25
CA LEU A 391 -14.48 -17.36 5.13
C LEU A 391 -14.82 -18.85 4.94
N PRO A 392 -14.78 -19.33 3.68
CA PRO A 392 -15.00 -20.75 3.39
C PRO A 392 -13.73 -21.58 3.54
N ILE A 393 -12.94 -21.28 4.57
CA ILE A 393 -11.69 -21.99 4.85
C ILE A 393 -11.58 -22.35 6.34
N GLN A 394 -11.09 -23.56 6.61
CA GLN A 394 -10.91 -24.04 7.98
C GLN A 394 -9.70 -23.39 8.65
N LYS A 395 -9.71 -23.36 9.98
CA LYS A 395 -8.60 -22.81 10.76
C LYS A 395 -7.37 -23.73 10.72
N GLU A 396 -7.60 -25.00 10.42
CA GLU A 396 -6.53 -25.99 10.28
C GLU A 396 -5.69 -25.73 9.03
N THR A 397 -6.36 -25.35 7.95
CA THR A 397 -5.70 -25.08 6.67
C THR A 397 -5.03 -23.70 6.66
N TRP A 398 -5.67 -22.74 7.33
CA TRP A 398 -5.16 -21.37 7.41
C TRP A 398 -3.85 -21.28 8.14
N GLU A 399 -3.71 -22.06 9.20
CA GLU A 399 -2.49 -22.08 10.02
C GLU A 399 -1.35 -22.82 9.33
N THR A 400 -1.68 -23.86 8.57
CA THR A 400 -0.68 -24.68 7.87
C THR A 400 0.00 -23.90 6.73
N TRP A 401 -0.78 -23.07 6.03
CA TRP A 401 -0.28 -22.31 4.89
C TRP A 401 0.62 -21.15 5.28
N TRP A 402 0.17 -20.35 6.25
CA TRP A 402 0.85 -19.10 6.60
C TRP A 402 2.07 -19.26 7.47
N THR A 403 2.26 -20.46 8.02
CA THR A 403 3.47 -20.76 8.81
C THR A 403 4.64 -21.16 7.93
N GLU A 404 4.35 -21.83 6.81
CA GLU A 404 5.38 -22.27 5.88
C GLU A 404 5.68 -21.23 4.79
N TYR A 405 4.77 -20.27 4.62
CA TYR A 405 4.92 -19.24 3.60
C TYR A 405 5.73 -18.05 4.11
N TRP A 406 6.51 -17.45 3.21
CA TRP A 406 7.42 -16.36 3.54
C TRP A 406 6.74 -15.03 3.78
N GLN A 407 5.64 -14.80 3.07
CA GLN A 407 4.94 -13.52 3.14
C GLN A 407 4.07 -13.41 4.40
N ALA A 408 4.12 -12.25 5.04
CA ALA A 408 3.37 -12.00 6.26
C ALA A 408 2.02 -11.34 5.97
N THR A 409 1.02 -11.70 6.76
CA THR A 409 -0.33 -11.12 6.68
C THR A 409 -1.06 -11.25 8.00
N TRP A 410 -2.12 -10.47 8.18
CA TRP A 410 -2.93 -10.53 9.41
C TRP A 410 -4.39 -10.25 9.17
N VAL A 411 -5.22 -11.20 9.56
CA VAL A 411 -6.67 -11.04 9.57
C VAL A 411 -7.15 -11.17 11.02
N PRO A 412 -7.58 -10.05 11.63
CA PRO A 412 -7.93 -10.00 13.05
C PRO A 412 -9.16 -10.84 13.40
N GLU A 413 -10.28 -10.61 12.70
CA GLU A 413 -11.53 -11.30 13.00
C GLU A 413 -12.11 -12.01 11.78
N TRP A 414 -12.12 -13.34 11.84
CA TRP A 414 -12.71 -14.17 10.78
C TRP A 414 -13.23 -15.48 11.31
N GLU A 415 -14.31 -15.97 10.71
CA GLU A 415 -14.96 -17.21 11.13
C GLU A 415 -15.10 -18.20 9.99
N PHE A 416 -15.40 -19.46 10.33
CA PHE A 416 -15.56 -20.53 9.35
C PHE A 416 -17.03 -20.81 9.03
N VAL A 417 -17.36 -20.81 7.74
CA VAL A 417 -18.69 -21.13 7.26
C VAL A 417 -18.59 -22.15 6.11
N ASN A 418 -19.31 -23.26 6.25
CA ASN A 418 -19.30 -24.32 5.24
C ASN A 418 -20.15 -23.97 4.01
N THR A 419 -19.49 -23.90 2.86
CA THR A 419 -20.16 -23.60 1.59
C THR A 419 -19.94 -24.74 0.59
N PRO A 420 -20.90 -24.94 -0.34
CA PRO A 420 -20.76 -25.97 -1.38
C PRO A 420 -19.41 -25.97 -2.13
N PRO A 421 -18.91 -24.78 -2.56
CA PRO A 421 -17.56 -24.79 -3.11
C PRO A 421 -16.53 -24.39 -2.06
N LEU A 422 -16.15 -25.34 -1.22
CA LEU A 422 -15.21 -25.10 -0.13
C LEU A 422 -13.77 -25.03 -0.63
N VAL A 423 -13.00 -24.10 -0.07
CA VAL A 423 -11.58 -23.95 -0.39
C VAL A 423 -10.79 -25.09 0.28
N LYS A 424 -10.05 -25.84 -0.54
CA LYS A 424 -9.33 -27.01 -0.05
C LYS A 424 -7.88 -27.09 -0.56
N LEU A 425 -6.97 -27.38 0.36
CA LEU A 425 -5.57 -27.63 0.03
C LEU A 425 -5.41 -29.09 -0.37
N TRP A 426 -4.84 -29.31 -1.55
CA TRP A 426 -4.77 -30.66 -2.13
C TRP A 426 -3.71 -31.53 -1.49
N TYR A 427 -2.45 -31.08 -1.55
CA TYR A 427 -1.32 -31.88 -1.09
C TYR A 427 -0.32 -31.09 -0.25
N GLN A 428 0.48 -31.82 0.52
CA GLN A 428 1.58 -31.24 1.30
C GLN A 428 2.79 -32.15 1.23
N LEU A 429 3.94 -31.58 0.86
CA LEU A 429 5.19 -32.34 0.72
C LEU A 429 5.78 -32.73 2.07
N GLU A 430 6.54 -33.82 2.07
CA GLU A 430 7.18 -34.34 3.28
C GLU A 430 8.36 -33.46 3.72
N LYS A 431 8.55 -33.37 5.03
CA LYS A 431 9.64 -32.59 5.61
C LYS A 431 10.96 -33.37 5.64
N GLU A 432 10.84 -34.68 5.85
CA GLU A 432 12.01 -35.57 5.92
C GLU A 432 11.94 -36.66 4.84
N PRO A 433 13.12 -37.15 4.38
CA PRO A 433 13.17 -38.20 3.35
C PRO A 433 12.50 -39.50 3.79
N ILE A 434 11.89 -40.20 2.84
CA ILE A 434 11.12 -41.41 3.11
C ILE A 434 12.02 -42.65 3.01
N VAL A 435 11.92 -43.53 4.00
CA VAL A 435 12.68 -44.78 4.04
C VAL A 435 12.07 -45.85 3.12
N GLY A 436 12.93 -46.59 2.44
CA GLY A 436 12.50 -47.66 1.53
C GLY A 436 11.95 -47.18 0.21
N ALA A 437 11.78 -45.87 0.07
CA ALA A 437 11.24 -45.25 -1.14
C ALA A 437 12.30 -45.18 -2.24
N GLU A 438 11.85 -45.29 -3.50
CA GLU A 438 12.74 -45.22 -4.65
C GLU A 438 13.18 -43.78 -4.91
N THR A 439 14.49 -43.58 -4.98
CA THR A 439 15.08 -42.26 -5.21
C THR A 439 15.06 -41.91 -6.69
N PHE A 440 14.61 -40.69 -7.00
CA PHE A 440 14.52 -40.22 -8.38
C PHE A 440 15.31 -38.93 -8.59
N TYR A 441 16.51 -39.06 -9.14
CA TYR A 441 17.30 -37.90 -9.56
C TYR A 441 16.78 -37.42 -10.90
N VAL A 442 16.33 -36.17 -10.95
CA VAL A 442 15.67 -35.64 -12.15
C VAL A 442 16.30 -34.32 -12.62
N ASP A 443 16.35 -34.15 -13.94
CA ASP A 443 16.93 -32.96 -14.57
C ASP A 443 16.43 -32.77 -16.00
N GLY A 444 16.29 -31.52 -16.41
CA GLY A 444 15.85 -31.17 -17.76
C GLY A 444 16.68 -30.07 -18.39
N ALA A 445 17.02 -30.25 -19.67
CA ALA A 445 17.81 -29.27 -20.41
C ALA A 445 17.22 -29.00 -21.79
N ALA A 446 17.30 -27.73 -22.22
CA ALA A 446 16.76 -27.31 -23.51
C ALA A 446 17.55 -26.15 -24.11
N SER A 447 17.46 -26.01 -25.43
CA SER A 447 18.09 -24.90 -26.15
C SER A 447 17.05 -24.10 -26.92
N ARG A 448 17.22 -22.78 -26.95
CA ARG A 448 16.27 -21.89 -27.63
C ARG A 448 16.41 -21.90 -29.16
N GLU A 449 17.47 -22.52 -29.66
CA GLU A 449 17.64 -22.73 -31.10
C GLU A 449 16.85 -23.98 -31.52
N THR A 450 15.96 -23.80 -32.49
CA THR A 450 15.06 -24.86 -32.98
C THR A 450 14.03 -25.31 -31.91
N LYS A 451 14.29 -24.94 -30.66
CA LYS A 451 13.44 -25.28 -29.51
C LYS A 451 13.28 -26.79 -29.31
N LEU A 452 14.37 -27.44 -28.89
CA LEU A 452 14.38 -28.87 -28.61
C LEU A 452 14.91 -29.12 -27.20
N GLY A 453 14.20 -29.96 -26.44
CA GLY A 453 14.57 -30.26 -25.06
C GLY A 453 14.43 -31.73 -24.68
N LYS A 454 15.20 -32.14 -23.69
CA LYS A 454 15.18 -33.52 -23.19
C LYS A 454 14.94 -33.57 -21.68
N ALA A 455 14.12 -34.52 -21.26
CA ALA A 455 13.83 -34.74 -19.85
C ALA A 455 14.04 -36.20 -19.48
N GLY A 456 14.73 -36.43 -18.37
CA GLY A 456 15.06 -37.79 -17.93
C GLY A 456 15.26 -37.95 -16.44
N TYR A 457 15.33 -39.20 -15.99
CA TYR A 457 15.55 -39.53 -14.58
C TYR A 457 16.44 -40.76 -14.40
N VAL A 458 17.21 -40.79 -13.31
CA VAL A 458 18.04 -41.93 -12.96
C VAL A 458 17.80 -42.32 -11.50
N THR A 459 17.48 -43.59 -11.27
CA THR A 459 17.19 -44.09 -9.92
C THR A 459 18.39 -44.82 -9.32
N ASN A 460 18.35 -45.03 -8.01
CA ASN A 460 19.37 -45.78 -7.29
C ASN A 460 19.34 -47.28 -7.59
N LYS A 461 18.18 -47.76 -8.05
CA LYS A 461 17.99 -49.17 -8.41
C LYS A 461 18.49 -49.47 -9.82
N GLY A 462 18.53 -48.45 -10.67
CA GLY A 462 19.07 -48.58 -12.03
C GLY A 462 18.15 -48.18 -13.16
N ARG A 463 16.92 -47.78 -12.82
CA ARG A 463 15.91 -47.41 -13.82
C ARG A 463 16.17 -46.02 -14.42
N GLN A 464 16.04 -45.93 -15.74
CA GLN A 464 16.24 -44.67 -16.46
C GLN A 464 15.38 -44.57 -17.73
N LYS A 465 15.00 -43.34 -18.09
CA LYS A 465 14.23 -43.06 -19.29
C LYS A 465 14.54 -41.66 -19.81
N VAL A 466 14.77 -41.56 -21.12
CA VAL A 466 15.06 -40.28 -21.76
C VAL A 466 14.09 -40.05 -22.93
N VAL A 467 13.41 -38.90 -22.91
CA VAL A 467 12.46 -38.53 -23.97
C VAL A 467 12.83 -37.20 -24.64
N THR A 468 12.33 -36.99 -25.85
CA THR A 468 12.56 -35.76 -26.61
C THR A 468 11.28 -34.97 -26.81
N LEU A 469 11.38 -33.64 -26.74
CA LEU A 469 10.23 -32.75 -26.87
C LEU A 469 10.43 -31.68 -27.94
N THR A 470 9.32 -31.18 -28.49
CA THR A 470 9.35 -30.13 -29.52
C THR A 470 8.66 -28.86 -29.02
N ASP A 471 9.21 -27.71 -29.42
CA ASP A 471 8.71 -26.39 -29.03
C ASP A 471 8.62 -26.25 -27.50
N THR A 472 9.78 -26.16 -26.87
CA THR A 472 9.87 -26.12 -25.40
C THR A 472 11.10 -25.36 -24.90
N THR A 473 11.03 -24.89 -23.65
CA THR A 473 12.13 -24.18 -23.00
C THR A 473 12.68 -24.97 -21.81
N ASN A 474 13.69 -24.41 -21.15
CA ASN A 474 14.32 -25.04 -19.98
C ASN A 474 13.36 -25.17 -18.78
N GLN A 475 12.46 -24.20 -18.66
CA GLN A 475 11.47 -24.17 -17.59
C GLN A 475 10.36 -25.22 -17.79
N LYS A 476 10.05 -25.50 -19.05
CA LYS A 476 8.99 -26.46 -19.40
C LYS A 476 9.49 -27.91 -19.38
N THR A 477 10.74 -28.12 -19.79
CA THR A 477 11.35 -29.45 -19.80
C THR A 477 11.60 -29.98 -18.39
N GLU A 478 11.97 -29.08 -17.48
CA GLU A 478 12.17 -29.42 -16.07
C GLU A 478 10.82 -29.74 -15.42
N LEU A 479 9.78 -29.07 -15.88
CA LEU A 479 8.40 -29.30 -15.41
C LEU A 479 7.86 -30.64 -15.91
N GLN A 480 8.24 -31.00 -17.14
CA GLN A 480 7.89 -32.30 -17.73
C GLN A 480 8.59 -33.45 -17.01
N ALA A 481 9.79 -33.18 -16.51
CA ALA A 481 10.61 -34.17 -15.83
C ALA A 481 10.00 -34.68 -14.53
N ILE A 482 9.32 -33.80 -13.81
CA ILE A 482 8.65 -34.16 -12.54
C ILE A 482 7.37 -34.94 -12.81
N HIS A 483 6.66 -34.58 -13.89
CA HIS A 483 5.46 -35.28 -14.30
C HIS A 483 5.73 -36.71 -14.66
N LEU A 484 6.85 -36.94 -15.35
CA LEU A 484 7.30 -38.29 -15.71
C LEU A 484 7.81 -39.05 -14.48
N ALA A 485 8.35 -38.29 -13.51
CA ALA A 485 8.84 -38.87 -12.26
C ALA A 485 7.69 -39.32 -11.35
N LEU A 486 6.53 -38.66 -11.48
CA LEU A 486 5.35 -39.02 -10.71
C LEU A 486 4.44 -40.01 -11.47
N GLN A 487 4.68 -40.13 -12.77
CA GLN A 487 3.92 -41.03 -13.62
C GLN A 487 4.36 -42.50 -13.44
N ASP A 488 5.67 -42.70 -13.35
CA ASP A 488 6.25 -44.05 -13.34
C ASP A 488 6.50 -44.60 -11.94
N SER A 489 6.69 -43.71 -10.97
CA SER A 489 7.04 -44.08 -9.60
C SER A 489 5.87 -44.69 -8.81
N GLY A 490 6.19 -45.17 -7.61
CA GLY A 490 5.19 -45.77 -6.72
C GLY A 490 4.49 -44.74 -5.84
N LEU A 491 4.11 -45.17 -4.65
CA LEU A 491 3.38 -44.32 -3.71
C LEU A 491 4.33 -43.45 -2.89
N GLU A 492 5.34 -44.07 -2.28
CA GLU A 492 6.38 -43.34 -1.57
C GLU A 492 7.53 -43.02 -2.52
N VAL A 493 7.76 -41.72 -2.75
CA VAL A 493 8.74 -41.26 -3.74
C VAL A 493 9.66 -40.18 -3.16
N ASN A 494 10.95 -40.31 -3.48
CA ASN A 494 11.93 -39.27 -3.15
C ASN A 494 12.51 -38.66 -4.43
N ILE A 495 12.12 -37.42 -4.71
CA ILE A 495 12.52 -36.73 -5.94
C ILE A 495 13.57 -35.65 -5.67
N VAL A 496 14.67 -35.70 -6.42
CA VAL A 496 15.75 -34.72 -6.30
C VAL A 496 15.87 -33.94 -7.61
N THR A 497 15.74 -32.62 -7.52
CA THR A 497 15.84 -31.73 -8.68
C THR A 497 16.88 -30.63 -8.47
N ALA A 498 17.43 -30.13 -9.57
CA ALA A 498 18.50 -29.12 -9.54
C ALA A 498 18.00 -27.69 -9.76
N SER A 499 16.73 -27.57 -10.13
CA SER A 499 16.14 -26.26 -10.45
C SER A 499 15.41 -25.64 -9.26
N GLN A 500 15.52 -24.32 -9.14
CA GLN A 500 14.82 -23.55 -8.12
C GLN A 500 13.42 -23.17 -8.59
N TYR A 501 13.25 -23.08 -9.90
CA TYR A 501 11.98 -22.77 -10.54
C TYR A 501 10.97 -23.91 -10.36
N ALA A 502 11.44 -25.13 -10.57
CA ALA A 502 10.61 -26.33 -10.44
C ALA A 502 10.24 -26.63 -9.00
N LEU A 503 11.15 -26.29 -8.08
CA LEU A 503 10.95 -26.48 -6.65
C LEU A 503 9.93 -25.48 -6.09
N GLY A 504 9.96 -24.25 -6.63
CA GLY A 504 9.10 -23.17 -6.16
C GLY A 504 7.62 -23.31 -6.50
N ILE A 505 7.33 -23.95 -7.63
CA ILE A 505 5.95 -24.13 -8.10
C ILE A 505 5.21 -25.19 -7.28
N ILE A 506 5.84 -26.36 -7.11
CA ILE A 506 5.24 -27.49 -6.39
C ILE A 506 5.07 -27.17 -4.89
N GLN A 507 5.98 -26.36 -4.35
CA GLN A 507 5.91 -25.93 -2.96
C GLN A 507 4.71 -25.01 -2.71
N ALA A 508 4.23 -24.38 -3.78
CA ALA A 508 2.99 -23.61 -3.77
C ALA A 508 1.85 -24.44 -4.36
N GLN A 509 0.64 -23.87 -4.38
CA GLN A 509 -0.54 -24.56 -4.90
C GLN A 509 -1.20 -23.77 -6.03
N PRO A 510 -0.69 -23.91 -7.28
CA PRO A 510 -1.20 -23.13 -8.40
C PRO A 510 -2.58 -23.60 -8.88
N ASP A 511 -3.60 -22.79 -8.59
CA ASP A 511 -4.97 -23.06 -9.06
C ASP A 511 -5.32 -22.10 -10.19
N GLN A 512 -4.91 -22.46 -11.40
CA GLN A 512 -5.15 -21.64 -12.58
C GLN A 512 -5.08 -22.45 -13.87
N SER A 513 -5.40 -21.80 -14.99
CA SER A 513 -5.28 -22.41 -16.31
C SER A 513 -3.82 -22.44 -16.77
N GLU A 514 -2.93 -21.83 -15.98
CA GLU A 514 -1.50 -21.85 -16.25
C GLU A 514 -0.95 -23.26 -16.19
N SER A 515 -0.18 -23.62 -17.22
CA SER A 515 0.48 -24.92 -17.33
C SER A 515 -0.48 -26.11 -17.28
N GLU A 516 -0.99 -26.46 -18.47
CA GLU A 516 -1.66 -27.74 -18.72
C GLU A 516 -0.81 -28.89 -18.16
N LEU A 517 0.46 -28.58 -17.90
CA LEU A 517 1.44 -29.51 -17.34
C LEU A 517 1.30 -29.64 -15.82
N VAL A 518 1.22 -28.50 -15.13
CA VAL A 518 1.14 -28.46 -13.66
C VAL A 518 -0.14 -29.11 -13.12
N ASN A 519 -1.25 -28.92 -13.84
CA ASN A 519 -2.53 -29.54 -13.49
C ASN A 519 -2.46 -31.07 -13.47
N GLN A 520 -1.56 -31.63 -14.28
CA GLN A 520 -1.30 -33.06 -14.29
C GLN A 520 -0.39 -33.47 -13.13
N ILE A 521 0.53 -32.58 -12.76
CA ILE A 521 1.46 -32.80 -11.65
C ILE A 521 0.71 -32.79 -10.31
N ILE A 522 -0.16 -31.79 -10.12
CA ILE A 522 -0.99 -31.68 -8.91
C ILE A 522 -1.89 -32.90 -8.73
N GLU A 523 -2.52 -33.32 -9.84
CA GLU A 523 -3.43 -34.47 -9.84
C GLU A 523 -2.71 -35.77 -9.47
N GLN A 524 -1.45 -35.89 -9.85
CA GLN A 524 -0.62 -37.05 -9.52
C GLN A 524 -0.22 -37.08 -8.05
N LEU A 525 0.07 -35.89 -7.50
CA LEU A 525 0.49 -35.75 -6.10
C LEU A 525 -0.60 -36.07 -5.09
N ILE A 526 -1.86 -35.89 -5.50
CA ILE A 526 -3.02 -36.23 -4.67
C ILE A 526 -3.15 -37.76 -4.57
N LYS A 527 -2.85 -38.45 -5.67
CA LYS A 527 -2.92 -39.91 -5.74
C LYS A 527 -1.89 -40.60 -4.85
N LYS A 528 -0.73 -39.94 -4.68
CA LYS A 528 0.37 -40.50 -3.88
C LYS A 528 0.14 -40.27 -2.39
N GLU A 529 0.73 -41.16 -1.57
CA GLU A 529 0.63 -41.07 -0.12
C GLU A 529 1.64 -40.07 0.45
N LYS A 530 2.92 -40.31 0.19
CA LYS A 530 4.00 -39.47 0.69
C LYS A 530 5.01 -39.14 -0.40
N VAL A 531 5.32 -37.86 -0.57
CA VAL A 531 6.29 -37.39 -1.55
C VAL A 531 7.27 -36.40 -0.92
N TYR A 532 8.56 -36.69 -1.07
CA TYR A 532 9.62 -35.79 -0.59
C TYR A 532 10.35 -35.15 -1.76
N LEU A 533 10.53 -33.83 -1.66
CA LEU A 533 11.20 -33.06 -2.70
C LEU A 533 12.16 -32.03 -2.10
N VAL A 536 19.31 -29.08 -4.84
CA VAL A 536 20.75 -29.25 -5.05
C VAL A 536 21.28 -28.30 -6.13
N PRO A 537 22.51 -27.77 -5.94
CA PRO A 537 23.12 -26.91 -6.96
C PRO A 537 23.54 -27.67 -8.22
N ALA A 538 23.39 -27.02 -9.37
CA ALA A 538 23.73 -27.62 -10.66
C ALA A 538 25.21 -27.41 -11.00
N HIS A 539 25.76 -28.37 -11.75
CA HIS A 539 27.17 -28.34 -12.20
C HIS A 539 28.15 -28.24 -11.07
N LYS A 540 28.00 -29.14 -10.09
CA LYS A 540 28.87 -29.16 -8.92
C LYS A 540 29.57 -30.51 -8.76
N GLY A 541 29.03 -31.53 -9.41
CA GLY A 541 29.61 -32.88 -9.37
C GLY A 541 29.00 -33.76 -8.29
N ILE A 542 27.71 -33.56 -8.03
CA ILE A 542 26.97 -34.35 -7.05
C ILE A 542 26.54 -35.67 -7.67
N GLY A 543 26.79 -36.76 -6.95
CA GLY A 543 26.42 -38.11 -7.40
C GLY A 543 24.92 -38.28 -7.56
N GLY A 544 24.51 -38.77 -8.73
CA GLY A 544 23.11 -38.93 -9.06
C GLY A 544 22.65 -37.86 -10.05
N ASN A 545 22.91 -36.60 -9.70
CA ASN A 545 22.57 -35.47 -10.56
C ASN A 545 23.48 -35.36 -11.79
N GLU A 546 24.72 -35.83 -11.65
CA GLU A 546 25.70 -35.79 -12.73
C GLU A 546 25.35 -36.77 -13.86
N GLN A 547 24.80 -37.92 -13.49
CA GLN A 547 24.43 -38.96 -14.45
C GLN A 547 23.23 -38.59 -15.32
N VAL A 548 22.31 -37.82 -14.74
CA VAL A 548 21.11 -37.37 -15.46
C VAL A 548 21.44 -36.24 -16.43
N ASP A 549 22.29 -35.32 -16.00
CA ASP A 549 22.69 -34.15 -16.78
C ASP A 549 23.40 -34.51 -18.08
N LYS A 550 24.19 -35.58 -18.04
CA LYS A 550 24.92 -36.07 -19.22
C LYS A 550 23.99 -36.69 -20.25
N LEU A 551 22.86 -37.24 -19.80
CA LEU A 551 21.88 -37.89 -20.67
C LEU A 551 20.96 -36.88 -21.37
N VAL A 552 20.53 -35.86 -20.64
CA VAL A 552 19.61 -34.85 -21.18
C VAL A 552 20.29 -33.83 -22.08
N SER A 553 21.57 -33.57 -21.82
CA SER A 553 22.35 -32.62 -22.62
C SER A 553 23.35 -33.32 -23.53
N ALA A 554 22.97 -34.49 -24.03
CA ALA A 554 23.81 -35.28 -24.92
C ALA A 554 23.86 -34.69 -26.33
N GLY A 555 22.70 -34.26 -26.83
CA GLY A 555 22.59 -33.63 -28.13
C GLY A 555 22.42 -32.13 -28.07
N ILE A 556 22.43 -31.60 -26.84
CA ILE A 556 22.28 -30.16 -26.61
C ILE A 556 23.56 -29.55 -26.07
N THR B 21 13.38 34.07 12.87
CA THR B 21 12.95 33.49 11.55
C THR B 21 14.13 33.31 10.59
N VAL B 22 14.01 32.34 9.69
CA VAL B 22 15.06 32.02 8.72
C VAL B 22 14.45 31.55 7.40
N PRO B 23 14.85 32.16 6.26
CA PRO B 23 14.36 31.78 4.94
C PRO B 23 14.77 30.37 4.51
N VAL B 24 13.79 29.60 4.03
CA VAL B 24 14.02 28.23 3.57
C VAL B 24 13.58 28.10 2.11
N LYS B 25 14.42 27.46 1.30
CA LYS B 25 14.13 27.26 -0.13
C LYS B 25 14.30 25.79 -0.54
N LEU B 26 13.53 25.38 -1.54
CA LEU B 26 13.59 24.01 -2.07
C LEU B 26 14.80 23.81 -2.99
N LYS B 27 15.03 22.55 -3.36
CA LYS B 27 16.05 22.20 -4.35
C LYS B 27 15.57 22.64 -5.74
N PRO B 28 16.42 23.37 -6.49
CA PRO B 28 16.06 23.87 -7.82
C PRO B 28 15.64 22.76 -8.78
N GLY B 29 14.46 22.93 -9.39
CA GLY B 29 13.89 21.93 -10.29
C GLY B 29 12.61 21.34 -9.75
N MET B 30 12.66 20.89 -8.50
CA MET B 30 11.50 20.29 -7.82
C MET B 30 10.70 21.34 -7.05
N LYS B 34 2.87 16.82 -2.91
CA LYS B 34 1.63 16.42 -3.56
C LYS B 34 1.45 14.91 -3.50
N VAL B 35 1.10 14.43 -2.30
CA VAL B 35 0.90 12.99 -2.05
C VAL B 35 -0.56 12.72 -1.67
N LYS B 36 -1.08 11.60 -2.15
CA LYS B 36 -2.46 11.18 -1.86
C LYS B 36 -2.60 10.71 -0.41
N GLN B 37 -3.71 11.11 0.22
CA GLN B 37 -4.00 10.75 1.60
C GLN B 37 -4.60 9.34 1.69
N TRP B 38 -4.02 8.52 2.56
CA TRP B 38 -4.50 7.17 2.80
C TRP B 38 -5.68 7.19 3.73
N PRO B 39 -6.74 6.43 3.40
CA PRO B 39 -7.96 6.39 4.22
C PRO B 39 -7.71 5.94 5.66
N LEU B 40 -8.41 6.57 6.60
CA LEU B 40 -8.27 6.26 8.03
C LEU B 40 -9.60 5.83 8.63
N THR B 41 -9.53 5.18 9.80
CA THR B 41 -10.72 4.67 10.49
C THR B 41 -11.55 5.79 11.11
N GLU B 42 -12.80 5.46 11.46
CA GLU B 42 -13.74 6.41 12.04
C GLU B 42 -13.27 6.94 13.40
N GLU B 43 -12.56 6.08 14.14
CA GLU B 43 -12.02 6.44 15.46
C GLU B 43 -10.80 7.36 15.34
N LYS B 44 -9.95 7.09 14.35
CA LYS B 44 -8.72 7.86 14.13
C LYS B 44 -8.98 9.27 13.63
N ILE B 45 -9.96 9.43 12.74
CA ILE B 45 -10.33 10.73 12.17
C ILE B 45 -10.84 11.69 13.26
N LYS B 46 -11.76 11.20 14.09
CA LYS B 46 -12.31 11.98 15.20
C LYS B 46 -11.24 12.36 16.23
N ALA B 47 -10.22 11.52 16.37
CA ALA B 47 -9.10 11.79 17.26
C ALA B 47 -8.19 12.89 16.71
N LEU B 48 -8.00 12.91 15.40
CA LEU B 48 -7.16 13.91 14.74
C LEU B 48 -7.82 15.29 14.71
N VAL B 49 -9.14 15.32 14.58
CA VAL B 49 -9.91 16.57 14.60
C VAL B 49 -9.78 17.27 15.95
N GLU B 50 -9.83 16.49 17.02
CA GLU B 50 -9.70 17.01 18.39
C GLU B 50 -8.33 17.65 18.64
N ILE B 51 -7.28 17.03 18.10
CA ILE B 51 -5.90 17.54 18.23
C ILE B 51 -5.69 18.79 17.38
N CYS B 52 -6.17 18.76 16.14
CA CYS B 52 -6.02 19.87 15.19
C CYS B 52 -6.77 21.14 15.61
N THR B 53 -7.89 20.95 16.31
CA THR B 53 -8.67 22.07 16.85
C THR B 53 -7.93 22.74 18.01
N GLU B 54 -7.26 21.91 18.83
CA GLU B 54 -6.46 22.40 19.95
C GLU B 54 -5.22 23.17 19.47
N MET B 55 -4.60 22.66 18.40
CA MET B 55 -3.41 23.28 17.82
C MET B 55 -3.72 24.56 17.05
N GLU B 56 -4.97 24.67 16.57
CA GLU B 56 -5.43 25.85 15.85
C GLU B 56 -5.61 27.06 16.78
N LYS B 57 -6.12 26.80 17.98
CA LYS B 57 -6.33 27.84 18.99
C LYS B 57 -5.04 28.30 19.63
N GLU B 58 -4.07 27.39 19.72
CA GLU B 58 -2.75 27.70 20.29
C GLU B 58 -1.90 28.54 19.35
N GLY B 59 -2.12 28.38 18.04
CA GLY B 59 -1.37 29.12 17.03
C GLY B 59 -0.28 28.29 16.37
N LYS B 60 -0.52 26.98 16.28
CA LYS B 60 0.43 26.06 15.67
C LYS B 60 0.11 25.83 14.18
N ILE B 61 -1.17 25.63 13.90
CA ILE B 61 -1.65 25.41 12.53
C ILE B 61 -2.86 26.28 12.19
N SER B 62 -3.05 26.59 10.91
CA SER B 62 -4.15 27.41 10.45
C SER B 62 -4.83 26.82 9.22
N LYS B 63 -6.13 27.10 9.05
CA LYS B 63 -6.91 26.62 7.92
C LYS B 63 -6.57 27.36 6.62
N ILE B 64 -6.46 26.61 5.53
CA ILE B 64 -6.20 27.17 4.21
C ILE B 64 -7.18 26.64 3.15
N GLY B 65 -7.39 27.42 2.11
CA GLY B 65 -8.34 27.08 1.05
C GLY B 65 -7.86 26.04 0.06
N PRO B 66 -8.57 25.90 -1.07
CA PRO B 66 -8.25 24.90 -2.10
C PRO B 66 -7.18 25.36 -3.10
N GLU B 67 -6.67 26.57 -2.92
CA GLU B 67 -5.64 27.14 -3.80
C GLU B 67 -4.26 26.51 -3.61
N ASN B 68 -4.10 25.79 -2.50
CA ASN B 68 -2.87 25.07 -2.20
C ASN B 68 -2.93 23.64 -2.74
N PRO B 69 -2.08 23.32 -3.74
CA PRO B 69 -2.08 21.99 -4.35
C PRO B 69 -1.23 20.95 -3.60
N TYR B 70 -0.36 21.43 -2.70
CA TYR B 70 0.56 20.55 -1.97
C TYR B 70 -0.14 19.82 -0.83
N ASN B 71 0.15 18.52 -0.72
CA ASN B 71 -0.45 17.69 0.33
C ASN B 71 0.56 16.75 0.99
N THR B 72 0.34 16.47 2.27
CA THR B 72 1.19 15.59 3.05
C THR B 72 0.33 14.56 3.79
N PRO B 73 0.71 13.27 3.74
CA PRO B 73 -0.03 12.21 4.43
C PRO B 73 -0.02 12.37 5.95
N VAL B 74 -1.16 12.08 6.58
CA VAL B 74 -1.30 12.17 8.03
C VAL B 74 -1.86 10.86 8.62
N PHE B 75 -1.26 10.41 9.72
CA PHE B 75 -1.66 9.17 10.39
C PHE B 75 -1.78 9.36 11.89
N ALA B 76 -2.59 8.51 12.54
CA ALA B 76 -2.79 8.55 13.98
C ALA B 76 -2.12 7.37 14.68
N ILE B 77 -1.31 7.68 15.68
CA ILE B 77 -0.60 6.67 16.47
C ILE B 77 -0.92 6.79 17.96
N LYS B 78 -0.61 5.75 18.73
CA LYS B 78 -0.84 5.74 20.17
C LYS B 78 0.47 5.67 20.98
N LYS B 79 0.46 6.32 22.14
CA LYS B 79 1.63 6.35 23.03
C LYS B 79 1.42 5.48 24.27
N LYS B 80 2.52 5.20 24.97
CA LYS B 80 2.49 4.37 26.17
C LYS B 80 2.42 5.22 27.45
N ASP B 81 3.26 6.25 27.52
CA ASP B 81 3.31 7.14 28.68
C ASP B 81 2.13 8.10 28.73
N GLY B 82 1.80 8.69 27.59
CA GLY B 82 0.67 9.60 27.47
C GLY B 82 -0.67 8.88 27.36
N THR B 83 -0.63 7.66 26.85
CA THR B 83 -1.82 6.80 26.68
C THR B 83 -2.86 7.32 25.67
N LYS B 84 -2.70 8.58 25.25
CA LYS B 84 -3.60 9.22 24.31
C LYS B 84 -3.07 9.16 22.87
N TRP B 85 -3.91 9.60 21.93
CA TRP B 85 -3.54 9.60 20.51
C TRP B 85 -2.56 10.69 20.16
N ARG B 86 -1.64 10.37 19.27
CA ARG B 86 -0.63 11.32 18.80
C ARG B 86 -0.71 11.50 17.28
N LYS B 87 -0.53 12.74 16.83
CA LYS B 87 -0.59 13.07 15.41
C LYS B 87 0.75 12.84 14.72
N LEU B 88 0.74 12.06 13.64
CA LEU B 88 1.93 11.75 12.87
C LEU B 88 1.76 12.19 11.42
N VAL B 89 2.71 12.99 10.94
CA VAL B 89 2.69 13.47 9.56
C VAL B 89 3.90 12.93 8.80
N ASP B 90 3.63 12.26 7.68
CA ASP B 90 4.68 11.62 6.88
C ASP B 90 5.33 12.59 5.90
N PHE B 91 6.45 13.18 6.32
CA PHE B 91 7.18 14.15 5.50
C PHE B 91 8.22 13.51 4.59
N ARG B 92 8.08 12.20 4.34
CA ARG B 92 9.03 11.42 3.55
C ARG B 92 9.29 12.01 2.16
N GLU B 93 8.22 12.42 1.49
CA GLU B 93 8.31 12.98 0.14
C GLU B 93 8.91 14.40 0.15
N LEU B 94 8.60 15.16 1.20
CA LEU B 94 9.09 16.53 1.34
C LEU B 94 10.57 16.57 1.75
N ASN B 95 10.99 15.60 2.56
CA ASN B 95 12.37 15.51 3.04
C ASN B 95 13.39 15.24 1.95
N LYS B 96 12.95 14.59 0.87
CA LYS B 96 13.80 14.32 -0.29
C LYS B 96 14.04 15.58 -1.12
N LYS B 97 13.07 16.49 -1.10
CA LYS B 97 13.17 17.77 -1.82
C LYS B 97 13.89 18.83 -1.00
N THR B 98 13.98 18.61 0.31
CA THR B 98 14.61 19.56 1.23
C THR B 98 15.93 19.01 1.80
N GLN B 99 16.59 18.16 1.02
CA GLN B 99 17.82 17.49 1.47
C GLN B 99 19.05 18.40 1.48
N ASP B 100 19.00 19.47 0.70
CA ASP B 100 20.11 20.43 0.62
C ASP B 100 20.16 21.39 1.81
N PHE B 101 19.03 21.56 2.48
CA PHE B 101 18.90 22.49 3.61
C PHE B 101 19.43 21.91 4.92
N TRP B 102 19.08 20.66 5.21
CA TRP B 102 19.38 20.04 6.50
C TRP B 102 20.59 19.14 6.49
N GLU B 103 21.30 19.09 5.38
CA GLU B 103 22.48 18.25 5.26
C GLU B 103 23.70 19.00 4.72
N VAL B 104 23.48 19.91 3.77
CA VAL B 104 24.55 20.69 3.16
C VAL B 104 24.64 22.08 3.81
N GLN B 105 23.50 22.77 3.88
CA GLN B 105 23.43 24.11 4.45
C GLN B 105 23.54 24.10 5.98
N LEU B 106 22.71 23.27 6.61
CA LEU B 106 22.72 23.12 8.07
C LEU B 106 22.73 21.64 8.46
N GLY B 107 23.91 21.02 8.35
CA GLY B 107 24.07 19.61 8.65
C GLY B 107 24.37 19.32 10.10
N ILE B 108 23.89 18.18 10.59
CA ILE B 108 24.10 17.76 11.97
C ILE B 108 25.33 16.84 12.06
N PRO B 109 26.33 17.23 12.87
CA PRO B 109 27.55 16.44 13.05
C PRO B 109 27.28 15.13 13.79
N HIS B 110 27.96 14.07 13.37
CA HIS B 110 27.79 12.74 13.96
C HIS B 110 29.10 12.18 14.46
N PRO B 111 29.17 11.83 15.75
CA PRO B 111 30.36 11.20 16.33
C PRO B 111 30.36 9.69 16.20
N ALA B 112 31.55 9.09 16.20
CA ALA B 112 31.70 7.64 16.08
C ALA B 112 31.87 6.94 17.43
N GLY B 113 31.68 7.70 18.51
CA GLY B 113 31.84 7.18 19.87
C GLY B 113 30.53 6.86 20.59
N LEU B 114 29.41 7.08 19.91
CA LEU B 114 28.09 6.83 20.47
C LEU B 114 27.75 5.33 20.47
N LYS B 115 28.31 4.61 19.51
CA LYS B 115 28.06 3.17 19.35
C LYS B 115 28.69 2.31 20.45
N LYS B 116 29.66 2.89 21.16
CA LYS B 116 30.34 2.18 22.26
C LYS B 116 29.99 2.79 23.62
N LYS B 117 29.03 2.17 24.29
CA LYS B 117 28.57 2.60 25.60
C LYS B 117 27.99 1.44 26.41
N LYS B 118 27.71 1.68 27.69
CA LYS B 118 27.13 0.67 28.56
C LYS B 118 25.60 0.75 28.61
N SER B 119 25.07 1.97 28.73
CA SER B 119 23.62 2.19 28.76
C SER B 119 23.23 3.46 28.00
N VAL B 120 22.23 3.34 27.14
CA VAL B 120 21.73 4.46 26.34
C VAL B 120 20.24 4.67 26.58
N THR B 121 19.87 5.91 26.94
CA THR B 121 18.48 6.27 27.19
C THR B 121 17.97 7.25 26.13
N VAL B 122 16.77 6.99 25.61
CA VAL B 122 16.17 7.82 24.57
C VAL B 122 15.00 8.62 25.12
N LEU B 123 15.00 9.92 24.84
CA LEU B 123 13.92 10.82 25.27
C LEU B 123 13.34 11.60 24.09
N ASP B 124 12.04 11.88 24.18
CA ASP B 124 11.33 12.61 23.13
C ASP B 124 11.22 14.10 23.47
N VAL B 125 11.70 14.93 22.55
CA VAL B 125 11.65 16.39 22.71
C VAL B 125 10.98 17.07 21.50
N GLY B 126 9.90 16.45 21.04
CA GLY B 126 9.16 16.95 19.87
C GLY B 126 8.32 18.18 20.12
N ASP B 127 8.00 18.43 21.38
CA ASP B 127 7.20 19.60 21.78
C ASP B 127 7.99 20.91 21.75
N ALA B 128 9.30 20.79 21.58
CA ALA B 128 10.20 21.95 21.55
C ALA B 128 10.11 22.75 20.24
N TYR B 129 9.68 22.08 19.17
CA TYR B 129 9.63 22.67 17.84
C TYR B 129 8.34 23.46 17.57
N PHE B 130 7.36 23.34 18.45
CA PHE B 130 6.08 24.03 18.31
C PHE B 130 6.13 25.51 18.68
N SER B 131 7.30 25.98 19.14
CA SER B 131 7.49 27.36 19.57
C SER B 131 8.13 28.24 18.50
N VAL B 132 9.15 27.71 17.83
CA VAL B 132 9.90 28.45 16.80
C VAL B 132 9.09 28.53 15.50
N PRO B 133 8.84 29.77 15.02
CA PRO B 133 8.06 30.01 13.79
C PRO B 133 8.75 29.50 12.52
N LEU B 134 7.95 29.30 11.48
CA LEU B 134 8.43 28.79 10.19
C LEU B 134 8.52 29.91 9.15
N ASP B 135 9.29 29.66 8.09
CA ASP B 135 9.45 30.60 6.98
C ASP B 135 8.14 30.83 6.23
N GLU B 136 7.85 32.09 5.92
CA GLU B 136 6.59 32.50 5.28
C GLU B 136 6.39 31.85 3.90
N ASP B 137 7.44 31.86 3.08
CA ASP B 137 7.36 31.33 1.72
C ASP B 137 7.42 29.80 1.66
N PHE B 138 7.72 29.18 2.80
CA PHE B 138 7.90 27.72 2.88
C PHE B 138 6.75 27.02 3.60
N ARG B 139 5.81 27.80 4.15
CA ARG B 139 4.67 27.25 4.89
C ARG B 139 3.71 26.44 4.02
N LYS B 140 3.66 26.75 2.73
CA LYS B 140 2.72 26.12 1.79
C LYS B 140 3.07 24.67 1.44
N TYR B 141 4.31 24.27 1.68
CA TYR B 141 4.79 22.93 1.35
C TYR B 141 4.55 21.91 2.47
N THR B 142 4.05 22.39 3.61
CA THR B 142 3.80 21.53 4.78
C THR B 142 2.30 21.31 5.02
N ALA B 143 1.49 21.54 3.99
CA ALA B 143 0.04 21.40 4.09
C ALA B 143 -0.41 19.94 4.09
N PHE B 144 -1.40 19.62 4.93
CA PHE B 144 -1.94 18.26 5.04
C PHE B 144 -3.47 18.25 5.09
N THR B 145 -4.06 17.14 4.64
CA THR B 145 -5.51 16.99 4.59
C THR B 145 -6.00 15.86 5.48
N ILE B 146 -7.06 16.13 6.24
CA ILE B 146 -7.72 15.11 7.06
C ILE B 146 -8.86 14.48 6.26
N PRO B 147 -8.79 13.15 6.02
CA PRO B 147 -9.80 12.46 5.24
C PRO B 147 -11.12 12.25 6.00
N SER B 148 -12.20 12.06 5.25
CA SER B 148 -13.53 11.87 5.84
C SER B 148 -14.12 10.51 5.48
N ILE B 149 -15.02 10.03 6.34
CA ILE B 149 -15.69 8.75 6.13
C ILE B 149 -16.69 8.84 4.99
N ASN B 150 -16.49 8.02 3.95
CA ASN B 150 -17.32 8.01 2.75
C ASN B 150 -17.39 9.36 2.03
N ASN B 151 -16.37 10.19 2.22
CA ASN B 151 -16.26 11.53 1.63
C ASN B 151 -17.53 12.38 1.76
N GLU B 152 -18.08 12.42 2.98
CA GLU B 152 -19.26 13.23 3.28
C GLU B 152 -18.91 14.72 3.35
N THR B 153 -17.87 15.03 4.11
CA THR B 153 -17.33 16.40 4.18
C THR B 153 -16.13 16.52 3.24
N PRO B 154 -15.96 17.71 2.60
CA PRO B 154 -14.88 17.96 1.64
C PRO B 154 -13.47 17.64 2.16
N GLY B 155 -13.28 17.71 3.48
CA GLY B 155 -11.98 17.44 4.09
C GLY B 155 -11.36 18.70 4.65
N ILE B 156 -11.00 18.65 5.93
CA ILE B 156 -10.43 19.81 6.63
C ILE B 156 -8.96 19.98 6.26
N ARG B 157 -8.59 21.21 5.91
CA ARG B 157 -7.23 21.53 5.48
C ARG B 157 -6.47 22.35 6.52
N TYR B 158 -5.19 22.03 6.69
CA TYR B 158 -4.31 22.75 7.62
C TYR B 158 -2.89 22.87 7.07
N GLN B 159 -2.19 23.92 7.53
CA GLN B 159 -0.76 24.08 7.24
C GLN B 159 -0.01 24.53 8.49
N TYR B 160 1.25 24.13 8.58
CA TYR B 160 2.09 24.45 9.75
C TYR B 160 2.58 25.89 9.74
N ASN B 161 2.42 26.56 10.89
CA ASN B 161 2.94 27.91 11.10
C ASN B 161 4.28 27.88 11.84
N VAL B 162 4.52 26.79 12.55
CA VAL B 162 5.77 26.58 13.29
C VAL B 162 6.53 25.37 12.73
N LEU B 163 7.61 24.97 13.40
CA LEU B 163 8.39 23.81 12.99
C LEU B 163 7.64 22.51 13.29
N PRO B 164 7.38 21.70 12.25
CA PRO B 164 6.61 20.46 12.39
C PRO B 164 7.47 19.26 12.80
N GLN B 165 6.83 18.28 13.44
CA GLN B 165 7.49 17.02 13.80
C GLN B 165 7.53 16.09 12.60
N GLY B 166 8.72 15.55 12.31
CA GLY B 166 8.91 14.67 11.16
C GLY B 166 9.66 15.33 10.01
N TRP B 167 9.82 16.65 10.09
CA TRP B 167 10.56 17.40 9.09
C TRP B 167 12.00 17.55 9.51
N LYS B 168 12.91 17.29 8.56
CA LYS B 168 14.35 17.29 8.83
C LYS B 168 14.94 18.68 9.01
N GLY B 169 14.22 19.71 8.57
CA GLY B 169 14.66 21.10 8.70
C GLY B 169 14.44 21.68 10.09
N SER B 170 13.58 21.04 10.88
CA SER B 170 13.26 21.49 12.24
C SER B 170 14.45 21.41 13.21
N PRO B 171 15.16 20.25 13.25
CA PRO B 171 16.34 20.17 14.12
C PRO B 171 17.52 20.98 13.58
N ALA B 172 17.54 21.26 12.28
CA ALA B 172 18.60 22.02 11.64
C ALA B 172 18.57 23.51 12.03
N ILE B 173 17.36 24.05 12.15
CA ILE B 173 17.16 25.44 12.56
C ILE B 173 17.33 25.59 14.07
N PHE B 174 16.80 24.62 14.82
CA PHE B 174 16.89 24.61 16.28
C PHE B 174 18.30 24.28 16.77
N GLN B 175 19.13 23.75 15.88
CA GLN B 175 20.52 23.37 16.19
C GLN B 175 21.34 24.50 16.83
N SER B 176 21.14 25.72 16.33
CA SER B 176 21.83 26.90 16.85
C SER B 176 21.44 27.21 18.29
N SER B 177 20.23 26.84 18.67
CA SER B 177 19.74 27.03 20.03
C SER B 177 19.91 25.78 20.88
N MET B 178 20.00 24.61 20.22
CA MET B 178 20.15 23.33 20.90
C MET B 178 21.56 23.13 21.45
N THR B 179 22.56 23.64 20.72
CA THR B 179 23.95 23.55 21.13
C THR B 179 24.23 24.46 22.33
N LYS B 180 23.51 25.57 22.40
CA LYS B 180 23.65 26.54 23.48
C LYS B 180 23.08 26.04 24.81
N ILE B 181 21.96 25.33 24.75
CA ILE B 181 21.31 24.79 25.95
C ILE B 181 21.96 23.50 26.47
N LEU B 182 22.66 22.80 25.59
CA LEU B 182 23.37 21.58 25.95
C LEU B 182 24.82 21.85 26.37
N GLU B 183 25.23 23.11 26.26
CA GLU B 183 26.58 23.54 26.62
C GLU B 183 26.88 23.42 28.13
N PRO B 184 25.93 23.81 29.00
CA PRO B 184 26.17 23.60 30.44
C PRO B 184 26.17 22.11 30.84
N PHE B 185 25.50 21.28 30.05
CA PHE B 185 25.46 19.85 30.28
C PHE B 185 26.71 19.14 29.77
N ARG B 186 27.24 19.63 28.64
CA ARG B 186 28.45 19.08 28.03
C ARG B 186 29.72 19.45 28.81
N LYS B 187 29.73 20.66 29.37
CA LYS B 187 30.86 21.13 30.17
C LYS B 187 30.90 20.45 31.55
N GLN B 188 29.74 20.05 32.04
CA GLN B 188 29.63 19.34 33.32
C GLN B 188 30.14 17.91 33.19
N ASN B 189 29.70 17.22 32.13
CA ASN B 189 30.12 15.85 31.85
C ASN B 189 30.81 15.73 30.48
N PRO B 190 32.16 15.64 30.48
CA PRO B 190 32.92 15.50 29.23
C PRO B 190 32.76 14.13 28.61
N ILE B 194 26.37 12.81 23.74
CA ILE B 194 25.02 13.19 23.33
C ILE B 194 24.91 13.38 21.81
N TYR B 195 23.76 12.98 21.27
CA TYR B 195 23.48 13.10 19.83
C TYR B 195 22.00 13.38 19.57
N GLN B 196 21.73 14.31 18.67
CA GLN B 196 20.37 14.70 18.32
C GLN B 196 20.01 14.23 16.92
N TYR B 197 18.87 13.55 16.80
CA TYR B 197 18.35 13.09 15.51
C TYR B 197 16.83 13.19 15.48
N MET B 198 16.32 13.99 14.55
CA MET B 198 14.88 14.25 14.41
C MET B 198 14.27 14.87 15.66
N ASP B 199 13.27 14.20 16.23
CA ASP B 199 12.60 14.67 17.45
C ASP B 199 13.07 13.93 18.70
N ASP B 200 13.91 12.91 18.50
CA ASP B 200 14.41 12.09 19.59
C ASP B 200 15.83 12.51 20.00
N LEU B 201 16.13 12.36 21.29
CA LEU B 201 17.45 12.67 21.83
C LEU B 201 18.14 11.40 22.34
N TYR B 202 19.39 11.21 21.94
CA TYR B 202 20.16 10.03 22.33
C TYR B 202 21.31 10.39 23.26
N VAL B 203 21.29 9.81 24.47
CA VAL B 203 22.33 10.05 25.47
C VAL B 203 22.99 8.73 25.86
N GLY B 204 24.31 8.66 25.67
CA GLY B 204 25.09 7.47 26.01
C GLY B 204 26.02 7.69 27.18
N SER B 205 26.10 6.71 28.08
CA SER B 205 26.92 6.80 29.28
C SER B 205 27.54 5.46 29.67
N ASP B 206 28.70 5.53 30.33
CA ASP B 206 29.40 4.33 30.81
C ASP B 206 29.18 4.13 32.32
N LEU B 207 28.16 4.79 32.85
CA LEU B 207 27.85 4.72 34.29
C LEU B 207 27.02 3.48 34.64
N GLU B 208 26.85 3.25 35.94
CA GLU B 208 26.13 2.08 36.47
C GLU B 208 24.62 2.22 36.27
N ILE B 209 23.90 1.13 36.48
CA ILE B 209 22.43 1.07 36.31
C ILE B 209 21.68 2.11 37.15
N GLY B 210 22.05 2.23 38.43
CA GLY B 210 21.44 3.20 39.34
C GLY B 210 21.90 4.61 39.08
N GLN B 211 23.12 4.75 38.58
CA GLN B 211 23.71 6.05 38.26
C GLN B 211 23.14 6.64 36.97
N HIS B 212 22.80 5.78 36.01
CA HIS B 212 22.28 6.20 34.71
C HIS B 212 20.91 6.83 34.79
N ARG B 213 20.06 6.29 35.66
CA ARG B 213 18.70 6.80 35.84
C ARG B 213 18.66 8.18 36.50
N THR B 214 19.64 8.45 37.35
CA THR B 214 19.74 9.72 38.08
C THR B 214 20.29 10.83 37.20
N LYS B 215 21.29 10.51 36.38
CA LYS B 215 21.95 11.49 35.50
C LYS B 215 21.06 11.94 34.35
N ILE B 216 20.16 11.07 33.89
CA ILE B 216 19.19 11.40 32.85
C ILE B 216 18.15 12.39 33.39
N GLU B 217 17.74 12.20 34.64
CA GLU B 217 16.79 13.08 35.31
C GLU B 217 17.36 14.48 35.54
N GLU B 218 18.68 14.56 35.70
CA GLU B 218 19.39 15.83 35.84
C GLU B 218 19.29 16.66 34.57
N LEU B 219 19.36 16.00 33.42
CA LEU B 219 19.18 16.64 32.12
C LEU B 219 17.70 16.90 31.85
N ARG B 220 16.84 16.04 32.37
CA ARG B 220 15.38 16.18 32.23
C ARG B 220 14.85 17.37 33.02
N GLN B 221 15.45 17.62 34.19
CA GLN B 221 15.10 18.77 35.02
C GLN B 221 15.62 20.08 34.43
N HIS B 222 16.68 19.97 33.62
CA HIS B 222 17.26 21.12 32.93
C HIS B 222 16.40 21.58 31.79
N LEU B 223 15.62 20.65 31.23
CA LEU B 223 14.69 20.95 30.15
C LEU B 223 13.54 21.84 30.63
N LEU B 224 13.09 21.61 31.87
CA LEU B 224 12.01 22.39 32.48
C LEU B 224 12.45 23.82 32.82
N ARG B 225 13.75 24.02 32.96
CA ARG B 225 14.31 25.36 33.20
C ARG B 225 14.18 26.24 31.95
N TRP B 226 14.25 25.62 30.78
CA TRP B 226 14.04 26.31 29.52
C TRP B 226 12.58 26.41 29.19
N GLY B 227 11.81 25.45 29.67
CA GLY B 227 10.35 25.46 29.53
C GLY B 227 9.74 24.28 28.78
N LEU B 228 10.58 23.50 28.11
CA LEU B 228 10.12 22.40 27.26
C LEU B 228 10.23 21.04 27.94
N THR B 229 9.41 20.09 27.50
CA THR B 229 9.41 18.74 28.05
C THR B 229 10.37 17.83 27.30
N GLY B 245 9.97 0.80 30.59
CA GLY B 245 11.31 0.22 30.60
C GLY B 245 12.02 0.36 29.27
N TYR B 246 12.34 1.60 28.91
CA TYR B 246 13.02 1.90 27.65
C TYR B 246 14.49 2.24 27.91
N GLU B 247 15.36 1.24 27.72
CA GLU B 247 16.81 1.41 27.88
C GLU B 247 17.59 0.51 26.93
N LEU B 248 18.64 1.07 26.33
CA LEU B 248 19.41 0.37 25.30
C LEU B 248 20.83 0.00 25.77
N HIS B 249 21.34 -1.09 25.23
CA HIS B 249 22.71 -1.53 25.50
C HIS B 249 23.42 -1.79 24.20
N PRO B 250 24.23 -0.81 23.74
CA PRO B 250 24.92 -0.89 22.46
C PRO B 250 26.11 -1.86 22.45
N ASP B 251 26.64 -2.16 23.64
CA ASP B 251 27.74 -3.11 23.78
C ASP B 251 27.25 -4.57 23.69
N LYS B 252 25.95 -4.75 23.88
CA LYS B 252 25.33 -6.08 23.84
C LYS B 252 24.80 -6.45 22.44
N TRP B 253 25.08 -5.60 21.45
CA TRP B 253 24.67 -5.87 20.07
C TRP B 253 25.69 -6.66 19.30
N THR B 254 26.46 -7.50 20.00
CA THR B 254 27.49 -8.34 19.39
C THR B 254 26.90 -9.29 18.36
N VAL B 255 27.53 -9.34 17.19
CA VAL B 255 27.05 -10.13 16.07
C VAL B 255 27.18 -11.63 16.35
N GLN B 256 26.03 -12.31 16.36
CA GLN B 256 25.98 -13.75 16.58
C GLN B 256 26.36 -14.51 15.31
N PRO B 257 27.34 -15.43 15.40
CA PRO B 257 27.83 -16.16 14.23
C PRO B 257 26.87 -17.28 13.80
N ILE B 258 26.94 -17.63 12.51
CA ILE B 258 26.13 -18.71 11.96
C ILE B 258 26.81 -20.06 12.24
N VAL B 259 26.12 -20.92 12.98
CA VAL B 259 26.65 -22.24 13.33
C VAL B 259 26.07 -23.35 12.48
N LEU B 260 26.92 -24.30 12.10
CA LEU B 260 26.51 -25.44 11.28
C LEU B 260 26.07 -26.62 12.15
N PRO B 261 25.09 -27.42 11.68
CA PRO B 261 24.56 -28.55 12.45
C PRO B 261 25.64 -29.57 12.84
N GLU B 262 25.77 -29.83 14.13
CA GLU B 262 26.72 -30.81 14.65
C GLU B 262 26.04 -32.17 14.72
N LYS B 263 26.36 -33.03 13.75
CA LYS B 263 25.71 -34.33 13.61
C LYS B 263 26.67 -35.49 13.84
N ASP B 264 26.19 -36.53 14.50
CA ASP B 264 26.98 -37.73 14.79
C ASP B 264 27.08 -38.64 13.57
N SER B 265 25.96 -38.90 12.93
CA SER B 265 25.91 -39.73 11.73
C SER B 265 25.24 -38.98 10.57
N TRP B 266 25.95 -38.89 9.45
CA TRP B 266 25.48 -38.13 8.29
C TRP B 266 24.89 -39.00 7.22
N THR B 267 23.81 -38.51 6.61
CA THR B 267 23.18 -39.18 5.48
C THR B 267 23.29 -38.33 4.22
N VAL B 268 22.95 -38.91 3.07
CA VAL B 268 23.01 -38.23 1.77
C VAL B 268 22.16 -36.95 1.76
N ASN B 269 20.96 -37.02 2.33
CA ASN B 269 20.06 -35.88 2.43
C ASN B 269 20.60 -34.76 3.30
N ASP B 270 21.35 -35.12 4.34
CA ASP B 270 21.98 -34.16 5.24
C ASP B 270 23.12 -33.40 4.56
N ILE B 271 23.83 -34.09 3.65
CA ILE B 271 24.91 -33.48 2.88
C ILE B 271 24.35 -32.58 1.78
N GLN B 272 23.32 -33.07 1.08
CA GLN B 272 22.70 -32.34 -0.03
C GLN B 272 22.08 -31.00 0.39
N LYS B 273 21.51 -30.97 1.59
CA LYS B 273 20.97 -29.73 2.16
C LYS B 273 22.08 -28.79 2.61
N LEU B 274 23.19 -29.38 3.08
CA LEU B 274 24.35 -28.62 3.55
C LEU B 274 25.10 -27.97 2.38
N VAL B 275 25.41 -28.75 1.36
CA VAL B 275 26.12 -28.27 0.17
C VAL B 275 25.38 -27.12 -0.51
N GLY B 276 24.05 -27.27 -0.64
CA GLY B 276 23.19 -26.26 -1.25
C GLY B 276 23.18 -24.93 -0.51
N LYS B 277 23.23 -24.99 0.81
CA LYS B 277 23.24 -23.79 1.65
C LYS B 277 24.60 -23.09 1.65
N LEU B 278 25.67 -23.88 1.70
CA LEU B 278 27.04 -23.36 1.75
C LEU B 278 27.53 -22.81 0.41
N ASN B 279 27.11 -23.46 -0.68
CA ASN B 279 27.44 -23.01 -2.03
C ASN B 279 26.87 -21.62 -2.35
N TRP B 280 25.68 -21.35 -1.80
CA TRP B 280 25.06 -20.04 -1.90
C TRP B 280 25.77 -19.03 -1.03
N ALA B 281 26.34 -19.51 0.07
CA ALA B 281 27.04 -18.65 1.02
C ALA B 281 28.50 -18.39 0.63
N SER B 282 28.92 -18.94 -0.52
CA SER B 282 30.29 -18.76 -1.01
C SER B 282 30.56 -17.35 -1.51
N GLN B 283 29.51 -16.67 -1.98
CA GLN B 283 29.62 -15.28 -2.45
C GLN B 283 29.67 -14.27 -1.30
N ILE B 284 29.14 -14.66 -0.13
CA ILE B 284 29.24 -13.85 1.07
C ILE B 284 30.60 -14.08 1.73
N TYR B 285 30.90 -15.33 2.04
CA TYR B 285 32.20 -15.72 2.59
C TYR B 285 32.98 -16.53 1.55
N PRO B 286 34.07 -15.95 1.00
CA PRO B 286 34.87 -16.60 -0.03
C PRO B 286 35.65 -17.82 0.48
N GLY B 287 35.65 -18.03 1.79
CA GLY B 287 36.37 -19.14 2.41
C GLY B 287 35.68 -20.49 2.37
N ILE B 288 34.36 -20.47 2.17
CA ILE B 288 33.55 -21.70 2.18
C ILE B 288 33.71 -22.52 0.90
N LYS B 289 33.97 -23.82 1.08
CA LYS B 289 34.11 -24.75 -0.03
C LYS B 289 33.29 -26.02 0.19
N VAL B 290 32.80 -26.60 -0.90
CA VAL B 290 31.96 -27.81 -0.85
C VAL B 290 32.50 -28.95 -1.72
N ARG B 291 33.70 -28.76 -2.25
CA ARG B 291 34.30 -29.69 -3.21
C ARG B 291 34.54 -31.10 -2.64
N GLN B 292 35.02 -31.17 -1.41
CA GLN B 292 35.28 -32.46 -0.75
C GLN B 292 34.00 -33.12 -0.23
N LEU B 293 32.99 -32.30 0.04
CA LEU B 293 31.68 -32.81 0.46
C LEU B 293 30.91 -33.40 -0.72
N CYS B 294 31.19 -32.90 -1.91
CA CYS B 294 30.56 -33.40 -3.15
C CYS B 294 31.18 -34.71 -3.61
N LYS B 295 32.45 -34.93 -3.28
CA LYS B 295 33.15 -36.18 -3.63
C LYS B 295 32.72 -37.36 -2.75
N LEU B 296 31.97 -37.07 -1.69
CA LEU B 296 31.37 -38.11 -0.85
C LEU B 296 30.26 -38.83 -1.59
N LEU B 297 29.57 -38.11 -2.48
CA LEU B 297 28.52 -38.68 -3.31
C LEU B 297 29.10 -39.12 -4.65
N ARG B 298 29.25 -40.44 -4.82
CA ARG B 298 29.78 -41.03 -6.05
C ARG B 298 28.74 -41.95 -6.68
N GLY B 299 28.11 -41.48 -7.76
CA GLY B 299 27.03 -42.21 -8.41
C GLY B 299 25.70 -42.01 -7.71
N THR B 300 24.66 -42.67 -8.24
CA THR B 300 23.31 -42.54 -7.70
C THR B 300 23.17 -43.21 -6.32
N LYS B 301 22.65 -42.45 -5.36
CA LYS B 301 22.48 -42.94 -3.99
C LYS B 301 21.16 -42.49 -3.36
N ALA B 302 20.62 -43.32 -2.47
CA ALA B 302 19.41 -43.00 -1.73
C ALA B 302 19.69 -41.98 -0.63
N LEU B 303 18.68 -41.16 -0.30
CA LEU B 303 18.82 -40.10 0.71
C LEU B 303 19.06 -40.63 2.11
N THR B 304 18.55 -41.82 2.39
CA THR B 304 18.67 -42.45 3.71
C THR B 304 20.06 -43.07 3.94
N GLU B 305 20.76 -43.39 2.84
CA GLU B 305 22.06 -44.03 2.90
C GLU B 305 23.09 -43.23 3.71
N VAL B 306 23.70 -43.89 4.69
CA VAL B 306 24.66 -43.27 5.59
C VAL B 306 26.03 -43.17 4.92
N ILE B 307 26.57 -41.95 4.84
CA ILE B 307 27.89 -41.71 4.27
C ILE B 307 28.86 -41.24 5.36
N PRO B 308 29.91 -42.03 5.64
CA PRO B 308 30.92 -41.66 6.62
C PRO B 308 31.85 -40.58 6.09
N LEU B 309 32.13 -39.57 6.91
CA LEU B 309 33.00 -38.47 6.53
C LEU B 309 34.48 -38.86 6.64
N THR B 310 35.21 -38.66 5.54
CA THR B 310 36.63 -39.01 5.46
C THR B 310 37.52 -37.91 6.06
N GLU B 311 38.83 -38.04 5.83
CA GLU B 311 39.81 -37.06 6.31
C GLU B 311 39.66 -35.72 5.58
N GLU B 312 39.23 -35.78 4.32
CA GLU B 312 39.01 -34.58 3.50
C GLU B 312 37.73 -33.84 3.89
N ALA B 313 36.69 -34.59 4.22
CA ALA B 313 35.37 -34.03 4.52
C ALA B 313 35.30 -33.37 5.89
N GLU B 314 35.89 -34.02 6.89
CA GLU B 314 35.90 -33.52 8.27
C GLU B 314 36.74 -32.26 8.43
N LEU B 315 37.88 -32.22 7.72
CA LEU B 315 38.82 -31.11 7.82
C LEU B 315 38.36 -29.87 7.05
N GLU B 316 37.52 -30.08 6.04
CA GLU B 316 36.94 -28.98 5.27
C GLU B 316 35.76 -28.34 6.02
N LEU B 317 34.90 -29.19 6.59
CA LEU B 317 33.70 -28.74 7.31
C LEU B 317 34.06 -27.99 8.59
N ALA B 318 35.08 -28.46 9.29
CA ALA B 318 35.56 -27.82 10.51
C ALA B 318 36.25 -26.49 10.24
N GLU B 319 36.83 -26.37 9.05
CA GLU B 319 37.48 -25.12 8.63
C GLU B 319 36.44 -24.08 8.25
N ASN B 320 35.35 -24.53 7.62
CA ASN B 320 34.24 -23.65 7.24
C ASN B 320 33.51 -23.03 8.42
N ARG B 321 33.49 -23.77 9.54
CA ARG B 321 32.90 -23.27 10.79
C ARG B 321 33.72 -22.13 11.41
N GLU B 322 35.04 -22.17 11.20
CA GLU B 322 35.94 -21.14 11.71
C GLU B 322 35.81 -19.82 10.95
N ILE B 323 35.48 -19.91 9.66
CA ILE B 323 35.30 -18.73 8.80
C ILE B 323 33.98 -18.01 9.14
N LEU B 324 32.98 -18.78 9.57
CA LEU B 324 31.69 -18.22 9.96
C LEU B 324 31.73 -17.51 11.30
N LYS B 325 32.62 -17.97 12.18
CA LYS B 325 32.80 -17.36 13.50
C LYS B 325 33.60 -16.06 13.42
N GLU B 326 34.61 -16.05 12.57
CA GLU B 326 35.46 -14.87 12.36
C GLU B 326 34.82 -13.89 11.37
N PRO B 327 34.82 -12.59 11.70
CA PRO B 327 34.28 -11.55 10.82
C PRO B 327 34.93 -11.52 9.44
N VAL B 328 34.13 -11.28 8.41
CA VAL B 328 34.61 -11.27 7.02
C VAL B 328 35.33 -9.97 6.67
N HIS B 329 36.37 -10.08 5.84
CA HIS B 329 37.18 -8.94 5.42
C HIS B 329 36.58 -8.24 4.23
N GLY B 330 36.85 -6.95 4.12
CA GLY B 330 36.41 -6.15 2.98
C GLY B 330 35.05 -5.48 3.17
N VAL B 331 34.61 -5.36 4.41
CA VAL B 331 33.34 -4.72 4.74
C VAL B 331 33.59 -3.41 5.50
N TYR B 332 33.20 -2.29 4.89
CA TYR B 332 33.38 -0.97 5.47
C TYR B 332 32.20 -0.05 5.16
N TYR B 333 31.94 0.90 6.06
CA TYR B 333 30.86 1.86 5.91
C TYR B 333 31.20 2.96 4.91
N ASP B 334 30.24 3.27 4.05
CA ASP B 334 30.40 4.34 3.05
C ASP B 334 29.28 5.37 3.21
N PRO B 335 29.65 6.61 3.60
CA PRO B 335 28.69 7.70 3.83
C PRO B 335 27.95 8.15 2.57
N SER B 336 28.58 7.98 1.41
CA SER B 336 28.00 8.40 0.12
C SER B 336 26.86 7.49 -0.34
N LYS B 337 26.95 6.21 0.01
CA LYS B 337 25.94 5.23 -0.39
C LYS B 337 24.84 5.07 0.66
N ASP B 338 23.64 4.71 0.20
CA ASP B 338 22.48 4.52 1.08
C ASP B 338 22.51 3.15 1.76
N LEU B 339 21.91 3.09 2.94
CA LEU B 339 21.85 1.85 3.73
C LEU B 339 20.58 1.05 3.40
N ILE B 340 20.73 -0.27 3.33
CA ILE B 340 19.63 -1.18 3.01
C ILE B 340 19.44 -2.22 4.13
N ALA B 341 18.19 -2.46 4.50
CA ALA B 341 17.85 -3.47 5.50
C ALA B 341 16.81 -4.44 4.97
N GLU B 342 17.11 -5.74 5.07
CA GLU B 342 16.21 -6.79 4.58
C GLU B 342 15.82 -7.75 5.70
N ILE B 343 14.51 -7.98 5.85
CA ILE B 343 13.98 -8.85 6.90
C ILE B 343 13.31 -10.08 6.28
N GLN B 344 13.59 -11.25 6.86
CA GLN B 344 13.00 -12.51 6.41
C GLN B 344 12.15 -13.15 7.50
N LYS B 345 11.04 -13.78 7.08
CA LYS B 345 10.17 -14.51 8.00
C LYS B 345 10.59 -15.96 8.07
N GLN B 346 10.77 -16.47 9.29
CA GLN B 346 11.20 -17.84 9.51
C GLN B 346 10.07 -18.74 10.01
N GLY B 347 9.06 -18.12 10.63
CA GLY B 347 7.93 -18.86 11.18
C GLY B 347 8.12 -19.21 12.64
N GLN B 348 7.03 -19.62 13.29
CA GLN B 348 7.01 -19.99 14.72
C GLN B 348 7.45 -18.84 15.64
N GLY B 349 7.21 -17.61 15.20
CA GLY B 349 7.60 -16.41 15.95
C GLY B 349 9.09 -16.14 15.90
N GLN B 350 9.66 -16.21 14.69
CA GLN B 350 11.09 -15.95 14.48
C GLN B 350 11.32 -15.10 13.24
N TRP B 351 12.11 -14.04 13.39
CA TRP B 351 12.45 -13.13 12.29
C TRP B 351 13.92 -12.86 12.26
N THR B 352 14.50 -12.86 11.07
CA THR B 352 15.92 -12.54 10.88
C THR B 352 16.11 -11.33 9.96
N TYR B 353 17.18 -10.57 10.21
CA TYR B 353 17.44 -9.33 9.47
C TYR B 353 18.91 -9.16 9.09
N GLN B 354 19.15 -8.42 8.01
CA GLN B 354 20.50 -8.08 7.56
C GLN B 354 20.61 -6.60 7.21
N ILE B 355 21.70 -5.98 7.66
CA ILE B 355 21.99 -4.58 7.33
C ILE B 355 23.21 -4.52 6.41
N TYR B 356 23.01 -4.00 5.20
CA TYR B 356 24.06 -3.96 4.18
C TYR B 356 23.93 -2.75 3.25
N GLN B 357 25.04 -2.37 2.64
CA GLN B 357 25.05 -1.32 1.61
C GLN B 357 25.16 -1.95 0.22
N GLU B 358 25.97 -3.00 0.13
CA GLU B 358 26.11 -3.78 -1.09
C GLU B 358 25.70 -5.23 -0.84
N PRO B 359 25.07 -5.88 -1.84
CA PRO B 359 24.60 -7.27 -1.70
C PRO B 359 25.70 -8.24 -1.27
N PHE B 360 25.34 -9.17 -0.38
CA PHE B 360 26.24 -10.21 0.15
C PHE B 360 27.42 -9.66 0.97
N LYS B 361 27.33 -8.40 1.37
CA LYS B 361 28.34 -7.76 2.20
C LYS B 361 27.67 -7.07 3.39
N ASN B 362 27.43 -7.85 4.45
CA ASN B 362 26.69 -7.38 5.61
C ASN B 362 27.56 -6.65 6.64
N LEU B 363 27.05 -5.54 7.16
CA LEU B 363 27.72 -4.77 8.21
C LEU B 363 27.24 -5.20 9.58
N LYS B 364 25.95 -5.47 9.70
CA LYS B 364 25.32 -5.88 10.95
C LYS B 364 24.23 -6.91 10.71
N THR B 365 24.35 -8.06 11.38
CA THR B 365 23.38 -9.14 11.25
C THR B 365 22.88 -9.64 12.61
N GLY B 366 21.73 -10.31 12.60
CA GLY B 366 21.13 -10.86 13.81
C GLY B 366 19.72 -11.39 13.56
N LYS B 367 19.01 -11.69 14.65
CA LYS B 367 17.64 -12.18 14.55
C LYS B 367 16.77 -11.70 15.72
N TYR B 368 15.64 -11.08 15.38
CA TYR B 368 14.64 -10.68 16.37
C TYR B 368 13.55 -11.73 16.46
N ALA B 369 13.51 -12.44 17.58
CA ALA B 369 12.56 -13.53 17.77
C ALA B 369 11.12 -13.03 17.91
N ARG B 370 10.74 -12.63 19.12
CA ARG B 370 9.37 -12.19 19.41
C ARG B 370 9.32 -11.42 20.73
N MET B 371 8.42 -10.45 20.81
CA MET B 371 8.05 -9.83 22.07
C MET B 371 7.19 -10.83 22.83
N ARG B 372 7.86 -11.71 23.57
CA ARG B 372 7.23 -12.92 24.14
C ARG B 372 6.13 -12.64 25.16
N GLY B 373 5.05 -13.42 25.06
CA GLY B 373 3.97 -13.35 26.05
C GLY B 373 2.56 -13.36 25.49
N ALA B 374 1.93 -12.19 25.53
CA ALA B 374 0.49 -12.04 25.28
C ALA B 374 0.06 -12.25 23.82
N HIS B 375 -0.21 -11.15 23.12
CA HIS B 375 -0.73 -11.21 21.75
C HIS B 375 0.20 -10.57 20.75
N THR B 376 0.74 -11.40 19.85
CA THR B 376 1.62 -10.94 18.79
C THR B 376 1.24 -11.59 17.45
N ASN B 377 1.20 -10.77 16.41
CA ASN B 377 0.90 -11.24 15.06
C ASN B 377 2.05 -10.98 14.07
N ASP B 378 1.82 -11.31 12.80
CA ASP B 378 2.83 -11.15 11.75
C ASP B 378 3.19 -9.69 11.47
N VAL B 379 2.22 -8.79 11.65
CA VAL B 379 2.43 -7.36 11.46
C VAL B 379 3.14 -6.75 12.68
N LYS B 380 2.64 -7.09 13.88
CA LYS B 380 3.18 -6.55 15.13
C LYS B 380 4.65 -6.90 15.34
N GLN B 381 5.01 -8.16 15.08
CA GLN B 381 6.39 -8.63 15.23
C GLN B 381 7.33 -7.96 14.22
N LEU B 382 6.79 -7.63 13.05
CA LEU B 382 7.55 -6.91 12.02
C LEU B 382 7.68 -5.43 12.36
N THR B 383 6.61 -4.85 12.91
CA THR B 383 6.58 -3.44 13.31
C THR B 383 7.54 -3.19 14.47
N GLU B 384 7.61 -4.12 15.41
CA GLU B 384 8.53 -4.05 16.55
C GLU B 384 9.98 -4.25 16.10
N ALA B 385 10.17 -5.01 15.02
CA ALA B 385 11.50 -5.26 14.46
C ALA B 385 12.04 -4.05 13.70
N VAL B 386 11.22 -3.46 12.84
CA VAL B 386 11.59 -2.29 12.04
C VAL B 386 12.03 -1.12 12.92
N GLN B 387 11.24 -0.84 13.97
CA GLN B 387 11.55 0.22 14.92
C GLN B 387 12.84 -0.03 15.69
N LYS B 388 13.13 -1.31 15.96
CA LYS B 388 14.34 -1.71 16.67
C LYS B 388 15.59 -1.61 15.79
N ILE B 389 15.44 -1.94 14.52
CA ILE B 389 16.54 -1.85 13.55
C ILE B 389 16.87 -0.38 13.22
N THR B 390 15.82 0.44 13.12
CA THR B 390 15.97 1.87 12.84
C THR B 390 16.74 2.58 13.97
N THR B 391 16.40 2.26 15.21
CA THR B 391 17.04 2.84 16.39
C THR B 391 18.52 2.46 16.47
N GLU B 392 18.84 1.21 16.11
CA GLU B 392 20.21 0.72 16.07
C GLU B 392 21.04 1.39 14.96
N SER B 393 20.36 1.76 13.88
CA SER B 393 21.00 2.41 12.73
C SER B 393 21.42 3.85 13.03
N ILE B 394 20.67 4.51 13.90
CA ILE B 394 20.92 5.90 14.26
C ILE B 394 22.11 6.04 15.23
N VAL B 395 22.21 5.09 16.16
CA VAL B 395 23.28 5.08 17.16
C VAL B 395 24.66 4.85 16.52
N ILE B 396 24.74 3.88 15.61
CA ILE B 396 26.00 3.51 14.97
C ILE B 396 26.39 4.44 13.83
N TRP B 397 25.44 4.73 12.94
CA TRP B 397 25.72 5.52 11.74
C TRP B 397 25.04 6.86 11.71
N GLY B 398 23.74 6.87 12.00
CA GLY B 398 22.96 8.12 12.02
C GLY B 398 22.09 8.33 10.80
N LYS B 399 21.76 7.25 10.09
CA LYS B 399 20.89 7.31 8.92
C LYS B 399 19.87 6.18 8.92
N THR B 400 18.67 6.47 8.42
CA THR B 400 17.60 5.48 8.32
C THR B 400 17.77 4.63 7.06
N PRO B 401 17.74 3.28 7.22
CA PRO B 401 17.95 2.37 6.10
C PRO B 401 16.68 2.11 5.28
N LYS B 402 16.88 1.69 4.02
CA LYS B 402 15.78 1.26 3.16
C LYS B 402 15.32 -0.13 3.55
N PHE B 403 14.06 -0.23 4.00
CA PHE B 403 13.53 -1.49 4.50
C PHE B 403 12.89 -2.36 3.42
N LYS B 404 13.43 -3.56 3.26
CA LYS B 404 12.87 -4.57 2.36
C LYS B 404 11.98 -5.51 3.18
N LEU B 405 10.68 -5.47 2.89
CA LEU B 405 9.70 -6.20 3.70
C LEU B 405 9.02 -7.34 2.93
N PRO B 406 8.83 -8.49 3.59
CA PRO B 406 8.11 -9.61 2.99
C PRO B 406 6.60 -9.52 3.25
N ILE B 407 5.99 -8.44 2.78
CA ILE B 407 4.57 -8.17 2.99
C ILE B 407 4.02 -7.37 1.80
N GLN B 408 2.72 -7.49 1.56
CA GLN B 408 2.05 -6.73 0.50
C GLN B 408 1.89 -5.26 0.88
N LYS B 409 1.79 -4.41 -0.13
CA LYS B 409 1.67 -2.95 0.07
C LYS B 409 0.36 -2.57 0.74
N GLU B 410 -0.74 -3.20 0.32
CA GLU B 410 -2.06 -2.91 0.85
C GLU B 410 -2.23 -3.42 2.28
N THR B 411 -1.57 -4.53 2.60
CA THR B 411 -1.65 -5.16 3.92
C THR B 411 -0.86 -4.35 4.96
N TRP B 412 0.30 -3.84 4.57
CA TRP B 412 1.18 -3.10 5.47
C TRP B 412 0.69 -1.72 5.78
N GLU B 413 0.21 -1.00 4.75
CA GLU B 413 -0.22 0.39 4.89
C GLU B 413 -1.49 0.58 5.73
N THR B 414 -2.17 -0.51 6.03
CA THR B 414 -3.42 -0.47 6.80
C THR B 414 -3.19 -0.72 8.30
N TRP B 415 -2.27 -1.63 8.62
CA TRP B 415 -2.09 -2.12 9.98
C TRP B 415 -0.83 -1.65 10.69
N TRP B 416 0.01 -0.88 9.99
CA TRP B 416 1.28 -0.43 10.56
C TRP B 416 1.11 0.67 11.59
N THR B 417 0.02 1.44 11.47
CA THR B 417 -0.24 2.57 12.36
C THR B 417 -0.69 2.14 13.76
N GLU B 418 -1.17 0.90 13.88
CA GLU B 418 -1.69 0.36 15.13
C GLU B 418 -0.61 0.14 16.19
N TYR B 419 0.57 -0.30 15.74
CA TYR B 419 1.67 -0.65 16.65
C TYR B 419 2.87 0.30 16.52
N TRP B 420 2.68 1.39 15.79
CA TRP B 420 3.74 2.37 15.55
C TRP B 420 3.80 3.40 16.65
N GLN B 421 5.01 3.72 17.09
CA GLN B 421 5.22 4.68 18.17
C GLN B 421 6.21 5.81 17.81
N ALA B 422 7.24 5.45 17.04
CA ALA B 422 8.28 6.41 16.65
C ALA B 422 7.77 7.49 15.72
N THR B 423 8.40 8.67 15.78
CA THR B 423 8.01 9.81 14.95
C THR B 423 8.69 9.80 13.57
N TRP B 424 9.83 9.12 13.49
CA TRP B 424 10.59 9.01 12.24
C TRP B 424 10.05 7.92 11.37
N VAL B 425 9.81 8.25 10.10
CA VAL B 425 9.28 7.28 9.14
C VAL B 425 10.37 6.85 8.16
N PRO B 426 10.80 5.59 8.24
CA PRO B 426 11.82 5.05 7.33
C PRO B 426 11.23 4.72 5.96
N GLU B 427 12.04 4.89 4.91
CA GLU B 427 11.64 4.56 3.55
C GLU B 427 11.64 3.05 3.36
N TRP B 428 10.51 2.50 2.91
CA TRP B 428 10.37 1.05 2.74
C TRP B 428 9.94 0.62 1.36
N GLU B 429 10.33 -0.60 1.00
CA GLU B 429 9.91 -1.23 -0.24
C GLU B 429 9.47 -2.68 0.01
N PHE B 430 8.65 -3.21 -0.89
CA PHE B 430 8.09 -4.55 -0.72
C PHE B 430 8.58 -5.49 -1.82
N VAL B 431 9.30 -6.54 -1.40
CA VAL B 431 9.94 -7.47 -2.34
C VAL B 431 9.71 -8.95 -2.00
N ASN B 432 10.13 -9.83 -2.91
CA ASN B 432 10.04 -11.28 -2.76
C ASN B 432 11.20 -11.84 -1.93
N THR B 433 10.90 -12.84 -1.11
CA THR B 433 11.91 -13.53 -0.30
C THR B 433 12.29 -14.87 -0.93
N PRO B 434 13.57 -15.01 -1.35
CA PRO B 434 14.11 -16.26 -1.89
C PRO B 434 14.16 -17.38 -0.84
N PRO B 435 14.06 -18.65 -1.29
CA PRO B 435 14.11 -19.79 -0.37
C PRO B 435 15.51 -20.04 0.21
N LEU B 436 16.55 -19.66 -0.52
CA LEU B 436 17.94 -19.90 -0.11
C LEU B 436 18.39 -18.98 1.03
N VAL B 437 17.95 -17.72 1.00
CA VAL B 437 18.29 -16.74 2.02
C VAL B 437 17.54 -17.00 3.33
N LYS B 438 16.37 -17.65 3.21
CA LYS B 438 15.52 -17.97 4.36
C LYS B 438 16.09 -19.15 5.16
N LEU B 439 16.67 -20.12 4.45
CA LEU B 439 17.20 -21.32 5.08
C LEU B 439 18.62 -21.16 5.61
N TRP B 440 19.27 -20.06 5.26
CA TRP B 440 20.65 -19.79 5.68
C TRP B 440 20.74 -19.10 7.01
N TYR B 441 19.94 -18.05 7.19
CA TYR B 441 20.01 -17.21 8.39
C TYR B 441 19.26 -17.77 9.60
N GLN B 442 18.64 -18.94 9.44
CA GLN B 442 18.01 -19.64 10.56
C GLN B 442 19.02 -20.42 11.40
N LEU B 443 20.17 -20.72 10.78
CA LEU B 443 21.27 -21.41 11.47
C LEU B 443 22.07 -20.46 12.37
N GLU B 444 21.77 -19.17 12.26
CA GLU B 444 22.40 -18.14 13.09
C GLU B 444 21.93 -18.26 14.55
N LYS B 445 22.89 -18.23 15.47
CA LYS B 445 22.61 -18.38 16.90
C LYS B 445 21.96 -17.12 17.48
#